data_5OLN
#
_entry.id   5OLN
#
_cell.length_a   64.368
_cell.length_b   93.010
_cell.length_c   139.854
_cell.angle_alpha   90.000
_cell.angle_beta   90.000
_cell.angle_gamma   90.000
#
_symmetry.space_group_name_H-M   'P 21 21 21'
#
loop_
_entity.id
_entity.type
_entity.pdbx_description
1 polymer 'Pyrimidine-nucleoside phosphorylase'
2 non-polymer IMIDAZOLE
3 non-polymer 1,2-ETHANEDIOL
4 non-polymer 'SULFATE ION'
5 water water
#
_entity_poly.entity_id   1
_entity_poly.type   'polypeptide(L)'
_entity_poly.pdbx_seq_one_letter_code
;AMRMVDIIIKKQNGKELTTEEIQFFVNGYTDGSIPDYQASALAMAIFFQDMSDRERADLTMAMVNSGETIDLSAIEGIKV
DKHSTGGVGDTTTLVLAPLVAALDVPVAKMSGRGLGHTGGTIDKLEAIMGFHVELTKDEFIKLVNRDKVAVIGQSGNLTP
ADKKLYALRDVTGTVNSIPLIASSIMSKKIAAGADAIVLDVKTGAGAFMKTEEDAAELAKAMVRIGNNVGRQTMAVISDM
SQPLGFAIGNALEVKEAIDTLKGEGPEDLHELVLTLGSQMVVLAKKADTLDEARAKLEEVMKNGKALEKFKDFLKNQGGD
SSIVDDPSKLPQAAYQIDVPAKEAGVVSEIVADEIGVAAMLLGAGRATKEDEIDLAVGIMLRKKVGDKVEKGEPLVTLYA
NRENVDEVIAKVYDNIRIAAEAKAPKLIHTLITE
;
_entity_poly.pdbx_strand_id   A,B
#
loop_
_chem_comp.id
_chem_comp.type
_chem_comp.name
_chem_comp.formula
EDO non-polymer 1,2-ETHANEDIOL 'C2 H6 O2'
IMD non-polymer IMIDAZOLE 'C3 H5 N2 1'
SO4 non-polymer 'SULFATE ION' 'O4 S -2'
#
# COMPACT_ATOMS: atom_id res chain seq x y z
N MET A 2 -1.24 -15.98 -5.24
CA MET A 2 -2.23 -15.52 -4.27
CA MET A 2 -2.22 -15.52 -4.28
C MET A 2 -1.63 -15.48 -2.87
N ARG A 3 -0.43 -16.07 -2.69
CA ARG A 3 0.16 -16.11 -1.35
CA ARG A 3 0.14 -16.12 -1.35
C ARG A 3 0.42 -14.72 -0.81
N MET A 4 0.96 -13.81 -1.64
CA MET A 4 1.19 -12.44 -1.19
C MET A 4 -0.12 -11.75 -0.79
N VAL A 5 -1.21 -12.00 -1.53
CA VAL A 5 -2.49 -11.37 -1.17
C VAL A 5 -2.95 -11.85 0.19
N ASP A 6 -2.81 -13.15 0.47
CA ASP A 6 -3.17 -13.66 1.80
C ASP A 6 -2.28 -13.07 2.88
N ILE A 7 -1.01 -12.83 2.57
CA ILE A 7 -0.10 -12.23 3.54
C ILE A 7 -0.53 -10.80 3.84
N ILE A 8 -0.87 -10.05 2.80
CA ILE A 8 -1.36 -8.68 3.00
C ILE A 8 -2.60 -8.68 3.88
N ILE A 9 -3.56 -9.55 3.57
CA ILE A 9 -4.81 -9.58 4.34
C ILE A 9 -4.56 -9.99 5.78
N LYS A 10 -3.66 -10.95 5.99
CA LYS A 10 -3.30 -11.34 7.34
C LYS A 10 -2.77 -10.16 8.15
N LYS A 11 -1.82 -9.41 7.59
CA LYS A 11 -1.32 -8.22 8.29
C LYS A 11 -2.41 -7.18 8.43
N GLN A 12 -3.18 -6.97 7.36
CA GLN A 12 -4.31 -6.05 7.40
C GLN A 12 -5.21 -6.32 8.60
N ASN A 13 -5.46 -7.60 8.91
CA ASN A 13 -6.32 -8.02 10.00
C ASN A 13 -5.62 -8.00 11.36
N GLY A 14 -4.38 -7.50 11.45
CA GLY A 14 -3.72 -7.39 12.73
C GLY A 14 -3.05 -8.66 13.21
N LYS A 15 -2.83 -9.62 12.33
CA LYS A 15 -2.17 -10.85 12.73
C LYS A 15 -0.66 -10.73 12.54
N GLU A 16 0.05 -11.58 13.27
CA GLU A 16 1.48 -11.77 13.08
C GLU A 16 1.74 -12.58 11.83
N LEU A 17 2.68 -12.13 11.01
CA LEU A 17 3.17 -12.95 9.91
C LEU A 17 4.14 -13.99 10.45
N THR A 18 4.11 -15.19 9.86
CA THR A 18 5.06 -16.23 10.23
C THR A 18 6.46 -15.91 9.68
N THR A 19 7.45 -16.64 10.19
CA THR A 19 8.81 -16.53 9.67
C THR A 19 8.83 -16.87 8.19
N GLU A 20 8.15 -17.94 7.80
CA GLU A 20 8.01 -18.33 6.40
C GLU A 20 7.48 -17.18 5.55
N GLU A 21 6.38 -16.56 5.98
CA GLU A 21 5.74 -15.52 5.17
C GLU A 21 6.64 -14.30 5.01
N ILE A 22 7.37 -13.93 6.06
CA ILE A 22 8.26 -12.76 5.98
C ILE A 22 9.41 -13.05 5.03
N GLN A 23 9.98 -14.27 5.11
CA GLN A 23 11.08 -14.64 4.23
C GLN A 23 10.61 -14.75 2.78
N PHE A 24 9.43 -15.33 2.56
CA PHE A 24 8.86 -15.39 1.23
C PHE A 24 8.74 -13.99 0.64
N PHE A 25 8.25 -13.05 1.44
CA PHE A 25 8.05 -11.71 0.93
C PHE A 25 9.38 -11.04 0.59
N VAL A 26 10.33 -11.10 1.52
CA VAL A 26 11.60 -10.40 1.29
C VAL A 26 12.30 -11.00 0.08
N ASN A 27 12.38 -12.33 0.01
CA ASN A 27 13.14 -12.93 -1.08
C ASN A 27 12.42 -12.79 -2.41
N GLY A 28 11.08 -12.77 -2.41
CA GLY A 28 10.36 -12.60 -3.67
C GLY A 28 10.35 -11.16 -4.12
N TYR A 29 10.28 -10.22 -3.19
CA TYR A 29 10.44 -8.83 -3.57
C TYR A 29 11.84 -8.58 -4.11
N THR A 30 12.85 -9.17 -3.46
CA THR A 30 14.24 -8.97 -3.88
C THR A 30 14.48 -9.48 -5.30
N ASP A 31 13.96 -10.66 -5.64
CA ASP A 31 14.27 -11.26 -6.93
C ASP A 31 13.30 -10.84 -8.04
N GLY A 32 12.37 -9.93 -7.75
CA GLY A 32 11.46 -9.38 -8.74
C GLY A 32 10.21 -10.20 -9.01
N SER A 33 9.99 -11.29 -8.28
CA SER A 33 8.77 -12.06 -8.52
C SER A 33 7.57 -11.46 -7.80
N ILE A 34 7.78 -10.62 -6.79
CA ILE A 34 6.70 -9.95 -6.09
C ILE A 34 6.73 -8.47 -6.50
N PRO A 35 5.65 -7.93 -7.04
CA PRO A 35 5.70 -6.59 -7.63
C PRO A 35 5.67 -5.49 -6.60
N ASP A 36 6.14 -4.31 -7.04
CA ASP A 36 6.17 -3.11 -6.20
CA ASP A 36 6.18 -3.12 -6.19
C ASP A 36 4.82 -2.86 -5.53
N TYR A 37 3.73 -3.05 -6.28
CA TYR A 37 2.43 -2.66 -5.75
C TYR A 37 1.95 -3.58 -4.63
N GLN A 38 2.40 -4.84 -4.60
CA GLN A 38 2.06 -5.66 -3.44
C GLN A 38 2.93 -5.30 -2.25
N ALA A 39 4.20 -5.01 -2.48
CA ALA A 39 5.09 -4.62 -1.38
C ALA A 39 4.61 -3.31 -0.75
N SER A 40 4.16 -2.34 -1.57
CA SER A 40 3.69 -1.09 -0.97
C SER A 40 2.42 -1.31 -0.18
N ALA A 41 1.54 -2.20 -0.65
CA ALA A 41 0.34 -2.51 0.12
C ALA A 41 0.69 -3.15 1.45
N LEU A 42 1.67 -4.08 1.46
CA LEU A 42 2.10 -4.69 2.72
C LEU A 42 2.71 -3.66 3.64
N ALA A 43 3.55 -2.77 3.08
CA ALA A 43 4.21 -1.80 3.93
C ALA A 43 3.18 -0.89 4.58
N MET A 44 2.13 -0.52 3.85
CA MET A 44 1.10 0.34 4.41
C MET A 44 0.29 -0.41 5.46
N ALA A 45 0.00 -1.70 5.23
CA ALA A 45 -0.67 -2.47 6.26
C ALA A 45 0.21 -2.58 7.51
N ILE A 46 1.53 -2.72 7.31
CA ILE A 46 2.45 -2.70 8.45
C ILE A 46 2.43 -1.33 9.12
N PHE A 47 2.45 -0.26 8.34
CA PHE A 47 2.38 1.07 8.91
C PHE A 47 1.23 1.17 9.91
N PHE A 48 0.08 0.59 9.58
CA PHE A 48 -1.09 0.67 10.45
C PHE A 48 -1.08 -0.36 11.57
N GLN A 49 -0.81 -1.61 11.21
CA GLN A 49 -0.88 -2.72 12.17
C GLN A 49 0.37 -3.11 12.99
N ASP A 50 1.55 -2.66 12.57
CA ASP A 50 2.78 -2.90 13.31
C ASP A 50 3.24 -4.35 13.19
N MET A 51 4.35 -4.64 13.86
CA MET A 51 4.95 -5.97 13.88
C MET A 51 5.44 -6.26 15.28
N SER A 52 5.30 -7.50 15.71
CA SER A 52 5.84 -7.89 17.01
C SER A 52 7.36 -7.89 16.98
N ASP A 53 7.95 -8.09 18.16
CA ASP A 53 9.40 -8.20 18.24
C ASP A 53 9.91 -9.37 17.41
N ARG A 54 9.20 -10.51 17.43
CA ARG A 54 9.64 -11.64 16.61
C ARG A 54 9.57 -11.32 15.12
N GLU A 55 8.44 -10.74 14.67
CA GLU A 55 8.34 -10.27 13.28
C GLU A 55 9.46 -9.29 12.94
N ARG A 56 9.76 -8.35 13.84
CA ARG A 56 10.81 -7.37 13.54
C ARG A 56 12.16 -8.05 13.37
N ALA A 57 12.50 -8.99 14.26
CA ALA A 57 13.74 -9.75 14.11
C ALA A 57 13.74 -10.56 12.81
N ASP A 58 12.61 -11.22 12.52
CA ASP A 58 12.55 -12.02 11.29
C ASP A 58 12.77 -11.16 10.06
N LEU A 59 12.11 -9.98 10.02
CA LEU A 59 12.28 -9.10 8.88
C LEU A 59 13.72 -8.59 8.78
N THR A 60 14.29 -8.21 9.92
CA THR A 60 15.69 -7.77 9.91
C THR A 60 16.59 -8.84 9.28
N MET A 61 16.50 -10.07 9.78
CA MET A 61 17.40 -11.12 9.28
C MET A 61 17.09 -11.52 7.85
N ALA A 62 15.82 -11.47 7.43
CA ALA A 62 15.54 -11.75 6.02
C ALA A 62 16.19 -10.70 5.12
N MET A 63 16.18 -9.43 5.56
CA MET A 63 16.86 -8.41 4.78
C MET A 63 18.37 -8.61 4.81
N VAL A 64 18.92 -8.96 5.98
CA VAL A 64 20.34 -9.35 6.06
C VAL A 64 20.66 -10.42 5.01
N ASN A 65 19.82 -11.47 4.96
CA ASN A 65 20.14 -12.62 4.12
C ASN A 65 19.66 -12.46 2.69
N SER A 66 19.19 -11.26 2.30
CA SER A 66 18.71 -11.03 0.94
C SER A 66 19.83 -10.87 -0.07
N GLY A 67 21.04 -10.57 0.36
CA GLY A 67 22.16 -10.46 -0.56
C GLY A 67 23.44 -10.91 0.10
N GLU A 68 24.55 -10.28 -0.26
CA GLU A 68 25.84 -10.61 0.31
C GLU A 68 25.92 -10.20 1.78
N THR A 69 26.72 -10.94 2.54
CA THR A 69 27.04 -10.60 3.91
C THR A 69 28.55 -10.67 4.10
N ILE A 70 29.04 -9.94 5.10
CA ILE A 70 30.47 -9.85 5.37
C ILE A 70 30.80 -10.71 6.57
N ASP A 71 31.75 -11.62 6.40
CA ASP A 71 32.23 -12.47 7.49
C ASP A 71 33.53 -11.88 8.03
N LEU A 72 33.46 -11.33 9.23
CA LEU A 72 34.62 -10.80 9.94
C LEU A 72 35.14 -11.75 11.02
N SER A 73 34.79 -13.04 10.96
CA SER A 73 35.16 -13.92 12.06
C SER A 73 36.67 -14.14 12.18
N ALA A 74 37.44 -13.94 11.11
CA ALA A 74 38.90 -14.08 11.25
C ALA A 74 39.53 -12.91 11.99
N ILE A 75 38.80 -11.83 12.22
CA ILE A 75 39.29 -10.71 13.01
C ILE A 75 39.01 -11.05 14.47
N GLU A 76 40.07 -11.18 15.26
CA GLU A 76 39.95 -11.59 16.66
C GLU A 76 39.14 -10.56 17.45
N GLY A 77 38.21 -11.06 18.24
CA GLY A 77 37.49 -10.24 19.20
C GLY A 77 36.07 -9.96 18.74
N ILE A 78 35.46 -9.00 19.43
CA ILE A 78 34.07 -8.63 19.23
C ILE A 78 34.05 -7.33 18.45
N LYS A 79 33.58 -7.37 17.20
CA LYS A 79 33.61 -6.20 16.33
C LYS A 79 32.33 -5.40 16.58
N VAL A 80 32.49 -4.20 17.12
CA VAL A 80 31.38 -3.31 17.44
C VAL A 80 31.32 -2.24 16.35
N ASP A 81 30.15 -2.01 15.80
CA ASP A 81 30.06 -0.92 14.84
C ASP A 81 29.05 0.10 15.31
N LYS A 82 29.30 1.35 14.95
CA LYS A 82 28.41 2.45 15.27
C LYS A 82 27.55 2.75 14.05
N HIS A 83 26.25 2.84 14.25
CA HIS A 83 25.37 3.45 13.27
C HIS A 83 24.90 4.79 13.80
N SER A 84 25.07 5.81 13.00
CA SER A 84 24.51 7.11 13.30
C SER A 84 23.76 7.58 12.07
N THR A 85 22.62 8.23 12.28
CA THR A 85 22.12 8.97 11.13
C THR A 85 22.99 10.19 10.85
N GLY A 86 23.91 10.52 11.74
CA GLY A 86 24.90 11.53 11.47
C GLY A 86 24.29 12.92 11.45
N GLY A 87 25.16 13.89 11.26
CA GLY A 87 24.75 15.27 11.34
C GLY A 87 25.97 16.14 11.14
N VAL A 88 25.68 17.43 10.96
CA VAL A 88 26.70 18.40 10.57
C VAL A 88 27.71 18.57 11.70
N GLY A 89 28.98 18.42 11.37
CA GLY A 89 30.04 18.50 12.36
C GLY A 89 30.35 17.21 13.08
N ASP A 90 29.66 16.12 12.76
CA ASP A 90 29.82 14.89 13.52
C ASP A 90 31.13 14.20 13.14
N THR A 91 32.13 14.30 14.02
CA THR A 91 33.44 13.69 13.82
C THR A 91 33.62 12.39 14.59
N THR A 92 32.55 11.85 15.18
CA THR A 92 32.73 10.74 16.12
C THR A 92 33.37 9.53 15.45
N THR A 93 32.98 9.22 14.21
CA THR A 93 33.58 8.08 13.55
C THR A 93 35.10 8.26 13.39
N LEU A 94 35.51 9.45 12.94
CA LEU A 94 36.93 9.78 12.81
C LEU A 94 37.66 9.61 14.13
N VAL A 95 37.10 10.14 15.21
CA VAL A 95 37.76 10.10 16.51
C VAL A 95 37.69 8.70 17.08
N LEU A 96 36.54 8.03 16.96
CA LEU A 96 36.33 6.79 17.69
C LEU A 96 37.23 5.68 17.20
N ALA A 97 37.55 5.63 15.91
CA ALA A 97 38.28 4.47 15.40
C ALA A 97 39.64 4.33 16.09
N PRO A 98 40.53 5.33 16.10
CA PRO A 98 41.78 5.16 16.85
C PRO A 98 41.58 5.21 18.35
N LEU A 99 40.59 5.95 18.84
CA LEU A 99 40.41 6.08 20.28
C LEU A 99 40.12 4.74 20.95
N VAL A 100 39.12 4.01 20.45
CA VAL A 100 38.85 2.71 21.08
C VAL A 100 39.88 1.68 20.64
N ALA A 101 40.46 1.82 19.44
CA ALA A 101 41.52 0.90 19.04
C ALA A 101 42.70 0.98 19.98
N ALA A 102 42.93 2.17 20.56
CA ALA A 102 43.98 2.32 21.57
C ALA A 102 43.69 1.52 22.84
N LEU A 103 42.45 1.07 23.03
CA LEU A 103 42.11 0.13 24.10
C LEU A 103 41.94 -1.30 23.58
N ASP A 104 42.46 -1.60 22.39
CA ASP A 104 42.42 -2.91 21.76
C ASP A 104 41.01 -3.37 21.41
N VAL A 105 40.07 -2.43 21.33
CA VAL A 105 38.76 -2.72 20.73
C VAL A 105 39.00 -2.84 19.22
N PRO A 106 38.68 -3.96 18.57
CA PRO A 106 39.01 -4.10 17.15
C PRO A 106 38.03 -3.28 16.31
N VAL A 107 38.57 -2.39 15.48
CA VAL A 107 37.75 -1.53 14.62
C VAL A 107 37.96 -1.98 13.19
N ALA A 108 37.01 -2.76 12.65
CA ALA A 108 37.03 -3.18 11.26
C ALA A 108 36.04 -2.31 10.48
N LYS A 109 36.52 -1.15 10.07
CA LYS A 109 35.63 -0.12 9.55
C LYS A 109 35.47 -0.25 8.05
N MET A 110 34.22 -0.26 7.60
CA MET A 110 33.88 -0.22 6.19
C MET A 110 33.04 1.02 5.95
N SER A 111 33.50 1.89 5.06
CA SER A 111 32.74 3.09 4.78
C SER A 111 32.97 3.47 3.31
N GLY A 112 32.46 4.62 2.93
CA GLY A 112 32.54 5.07 1.56
C GLY A 112 32.52 6.58 1.49
N ARG A 113 31.95 7.08 0.39
CA ARG A 113 31.93 8.50 0.12
CA ARG A 113 31.93 8.50 0.12
C ARG A 113 30.50 9.00 0.06
N GLY A 114 29.88 8.93 -1.12
CA GLY A 114 28.48 9.27 -1.28
C GLY A 114 28.21 10.76 -1.14
N LEU A 115 26.91 11.08 -1.17
CA LEU A 115 26.47 12.47 -1.13
C LEU A 115 26.40 12.92 0.33
N GLY A 116 25.88 14.12 0.55
CA GLY A 116 25.81 14.72 1.87
C GLY A 116 26.36 16.13 1.85
N HIS A 117 26.37 16.73 3.04
CA HIS A 117 26.89 18.10 3.17
C HIS A 117 28.41 18.13 3.25
N THR A 118 29.02 17.04 3.72
CA THR A 118 30.46 16.85 3.71
C THR A 118 30.76 15.48 3.12
N GLY A 119 32.04 15.16 3.00
CA GLY A 119 32.43 13.86 2.52
C GLY A 119 32.06 12.75 3.48
N GLY A 120 32.28 11.52 3.02
CA GLY A 120 32.23 10.38 3.88
C GLY A 120 33.52 10.25 4.67
N THR A 121 33.63 9.15 5.41
CA THR A 121 34.84 8.90 6.19
C THR A 121 36.05 8.74 5.27
N ILE A 122 35.86 8.13 4.11
CA ILE A 122 36.95 7.97 3.15
C ILE A 122 37.44 9.35 2.70
N ASP A 123 36.50 10.23 2.32
CA ASP A 123 36.86 11.57 1.89
C ASP A 123 37.64 12.32 2.95
N LYS A 124 37.18 12.23 4.20
CA LYS A 124 37.86 12.94 5.28
C LYS A 124 39.26 12.37 5.52
N LEU A 125 39.38 11.04 5.50
CA LEU A 125 40.68 10.42 5.71
C LEU A 125 41.63 10.67 4.55
N GLU A 126 41.09 10.86 3.34
CA GLU A 126 41.95 11.15 2.20
C GLU A 126 42.46 12.58 2.20
N ALA A 127 41.93 13.45 3.06
CA ALA A 127 42.56 14.74 3.26
C ALA A 127 43.98 14.61 3.80
N ILE A 128 44.28 13.42 4.30
CA ILE A 128 45.61 13.12 4.71
C ILE A 128 46.25 12.55 3.46
N MET A 129 47.41 13.11 3.13
CA MET A 129 48.13 12.75 1.90
C MET A 129 48.61 11.32 1.79
N GLY A 130 48.36 10.65 0.66
CA GLY A 130 48.85 9.30 0.60
C GLY A 130 47.88 8.26 1.10
N PHE A 131 46.96 8.62 2.00
CA PHE A 131 46.01 7.66 2.55
C PHE A 131 45.11 7.12 1.45
N HIS A 132 44.98 5.80 1.40
CA HIS A 132 44.11 5.15 0.43
C HIS A 132 43.57 3.87 1.02
N VAL A 133 42.46 3.40 0.46
CA VAL A 133 41.68 2.30 1.05
C VAL A 133 41.83 1.01 0.26
N GLU A 134 42.71 0.98 -0.73
N GLU A 134 42.71 0.99 -0.73
CA GLU A 134 42.85 -0.23 -1.54
CA GLU A 134 42.96 -0.22 -1.52
C GLU A 134 43.50 -1.35 -0.73
C GLU A 134 43.55 -1.32 -0.64
N LEU A 135 42.69 -2.13 -0.04
CA LEU A 135 43.15 -3.28 0.74
C LEU A 135 42.40 -4.53 0.28
N THR A 136 43.10 -5.65 0.19
CA THR A 136 42.36 -6.90 0.07
C THR A 136 41.77 -7.27 1.43
N LYS A 137 40.81 -8.19 1.40
CA LYS A 137 40.21 -8.66 2.66
CA LYS A 137 40.21 -8.67 2.65
C LYS A 137 41.26 -9.26 3.58
N ASP A 138 42.20 -9.98 3.01
N ASP A 138 42.19 -10.02 3.04
CA ASP A 138 43.25 -10.55 3.80
CA ASP A 138 43.25 -10.59 3.83
C ASP A 138 44.15 -9.49 4.44
C ASP A 138 44.15 -9.49 4.44
N GLU A 139 44.55 -8.48 3.69
CA GLU A 139 45.30 -7.36 4.26
C GLU A 139 44.47 -6.67 5.34
N PHE A 140 43.17 -6.46 5.07
CA PHE A 140 42.29 -5.81 6.01
C PHE A 140 42.22 -6.58 7.34
N ILE A 141 42.00 -7.90 7.26
CA ILE A 141 41.99 -8.74 8.46
C ILE A 141 43.31 -8.63 9.21
N LYS A 142 44.42 -8.69 8.50
CA LYS A 142 45.71 -8.69 9.21
C LYS A 142 45.99 -7.34 9.86
N LEU A 143 45.58 -6.24 9.22
CA LEU A 143 45.79 -4.92 9.83
C LEU A 143 44.97 -4.74 11.09
N VAL A 144 43.73 -5.25 11.12
CA VAL A 144 42.95 -5.10 12.35
C VAL A 144 43.52 -6.00 13.44
N ASN A 145 43.89 -7.22 13.08
CA ASN A 145 44.44 -8.11 14.08
C ASN A 145 45.73 -7.54 14.66
N ARG A 146 46.53 -6.88 13.85
CA ARG A 146 47.78 -6.32 14.34
C ARG A 146 47.56 -4.99 15.07
N ASP A 147 46.88 -4.04 14.42
CA ASP A 147 46.81 -2.69 14.98
C ASP A 147 45.43 -2.31 15.51
N LYS A 148 44.45 -3.21 15.42
CA LYS A 148 43.10 -3.03 15.95
C LYS A 148 42.31 -1.93 15.24
N VAL A 149 42.78 -1.42 14.10
CA VAL A 149 42.00 -0.46 13.32
C VAL A 149 42.45 -0.52 11.87
N ALA A 150 41.48 -0.45 10.97
CA ALA A 150 41.72 -0.39 9.54
C ALA A 150 40.43 0.07 8.87
N VAL A 151 40.55 0.60 7.66
CA VAL A 151 39.38 0.99 6.89
C VAL A 151 39.50 0.41 5.49
N ILE A 152 38.41 -0.17 5.00
CA ILE A 152 38.30 -0.67 3.64
C ILE A 152 36.98 -0.13 3.09
N GLY A 153 36.91 0.01 1.77
CA GLY A 153 35.66 0.47 1.16
C GLY A 153 34.56 -0.56 1.31
N GLN A 154 33.35 -0.11 1.59
CA GLN A 154 32.29 -1.07 1.87
C GLN A 154 31.72 -1.67 0.59
N SER A 155 31.11 -2.84 0.75
CA SER A 155 30.42 -3.48 -0.36
C SER A 155 29.15 -2.73 -0.73
N GLY A 156 28.82 -2.74 -2.02
CA GLY A 156 27.58 -2.19 -2.51
C GLY A 156 26.50 -3.22 -2.81
N ASN A 157 26.67 -4.47 -2.35
CA ASN A 157 25.71 -5.54 -2.61
C ASN A 157 25.12 -6.08 -1.32
N LEU A 158 25.11 -5.26 -0.27
CA LEU A 158 24.52 -5.60 1.01
C LEU A 158 23.05 -5.24 1.02
N THR A 159 22.26 -6.04 1.75
CA THR A 159 20.81 -5.84 1.95
C THR A 159 20.12 -5.25 0.72
N PRO A 160 20.24 -5.88 -0.44
CA PRO A 160 19.49 -5.39 -1.61
C PRO A 160 18.01 -5.23 -1.34
N ALA A 161 17.44 -6.05 -0.45
CA ALA A 161 16.02 -5.94 -0.14
C ALA A 161 15.70 -4.64 0.59
N ASP A 162 16.62 -4.17 1.45
CA ASP A 162 16.41 -2.91 2.12
C ASP A 162 16.56 -1.74 1.17
N LYS A 163 17.50 -1.83 0.23
CA LYS A 163 17.67 -0.75 -0.74
C LYS A 163 16.39 -0.57 -1.57
N LYS A 164 15.82 -1.69 -2.03
CA LYS A 164 14.56 -1.67 -2.76
C LYS A 164 13.43 -1.16 -1.87
N LEU A 165 13.27 -1.77 -0.70
CA LEU A 165 12.14 -1.44 0.15
C LEU A 165 12.20 0.01 0.63
N TYR A 166 13.40 0.48 1.03
CA TYR A 166 13.46 1.87 1.47
C TYR A 166 13.08 2.83 0.35
N ALA A 167 13.53 2.57 -0.89
CA ALA A 167 13.17 3.46 -1.99
C ALA A 167 11.67 3.44 -2.22
N LEU A 168 11.05 2.27 -2.08
CA LEU A 168 9.61 2.15 -2.24
C LEU A 168 8.88 2.87 -1.12
N ARG A 169 9.35 2.70 0.12
CA ARG A 169 8.76 3.40 1.25
C ARG A 169 8.79 4.91 1.06
N ASP A 170 9.86 5.42 0.46
CA ASP A 170 10.05 6.85 0.28
C ASP A 170 9.05 7.47 -0.69
N VAL A 171 8.45 6.69 -1.59
CA VAL A 171 7.50 7.22 -2.56
C VAL A 171 6.08 6.69 -2.30
N THR A 172 5.84 6.09 -1.13
CA THR A 172 4.53 5.58 -0.77
C THR A 172 4.08 5.98 0.63
N GLY A 173 4.77 6.90 1.29
CA GLY A 173 4.38 7.33 2.63
C GLY A 173 4.59 6.31 3.73
N THR A 174 5.55 5.38 3.57
CA THR A 174 5.73 4.36 4.60
C THR A 174 7.16 4.36 5.16
N VAL A 175 7.82 5.52 5.13
CA VAL A 175 9.10 5.61 5.83
C VAL A 175 8.88 5.58 7.33
N ASN A 176 7.87 6.31 7.81
CA ASN A 176 7.70 6.61 9.23
C ASN A 176 6.95 5.49 9.95
N SER A 177 7.54 4.30 9.90
CA SER A 177 7.03 3.15 10.65
C SER A 177 8.19 2.53 11.42
N ILE A 178 8.07 2.47 12.75
CA ILE A 178 9.16 1.96 13.59
C ILE A 178 9.65 0.58 13.14
N PRO A 179 8.79 -0.42 12.95
CA PRO A 179 9.33 -1.72 12.53
C PRO A 179 10.12 -1.63 11.23
N LEU A 180 9.66 -0.79 10.30
CA LEU A 180 10.34 -0.63 9.02
C LEU A 180 11.66 0.12 9.18
N ILE A 181 11.68 1.20 9.96
CA ILE A 181 12.93 1.93 10.19
C ILE A 181 13.94 1.06 10.92
N ALA A 182 13.49 0.40 12.00
CA ALA A 182 14.43 -0.30 12.88
C ALA A 182 15.03 -1.52 12.19
N SER A 183 14.23 -2.27 11.43
CA SER A 183 14.80 -3.40 10.69
C SER A 183 15.70 -2.94 9.57
N SER A 184 15.40 -1.79 8.94
CA SER A 184 16.24 -1.24 7.90
C SER A 184 17.64 -0.93 8.42
N ILE A 185 17.70 -0.18 9.51
CA ILE A 185 19.00 0.25 10.04
C ILE A 185 19.79 -0.95 10.56
N MET A 186 19.14 -1.79 11.36
CA MET A 186 19.84 -2.91 11.99
C MET A 186 20.35 -3.91 10.94
N SER A 187 19.57 -4.15 9.88
CA SER A 187 19.97 -5.14 8.88
C SER A 187 21.27 -4.73 8.18
N LYS A 188 21.45 -3.43 7.88
CA LYS A 188 22.70 -3.03 7.25
C LYS A 188 23.90 -3.30 8.14
N LYS A 189 23.77 -3.05 9.45
CA LYS A 189 24.91 -3.27 10.34
C LYS A 189 25.19 -4.76 10.54
N ILE A 190 24.14 -5.57 10.63
CA ILE A 190 24.30 -7.02 10.77
C ILE A 190 24.93 -7.61 9.51
N ALA A 191 24.46 -7.19 8.33
CA ALA A 191 25.00 -7.76 7.09
C ALA A 191 26.47 -7.40 6.91
N ALA A 192 26.91 -6.29 7.51
CA ALA A 192 28.30 -5.87 7.46
C ALA A 192 29.20 -6.66 8.40
N GLY A 193 28.65 -7.59 9.18
CA GLY A 193 29.47 -8.47 9.98
C GLY A 193 29.67 -8.05 11.42
N ALA A 194 28.97 -7.02 11.89
CA ALA A 194 29.08 -6.57 13.27
C ALA A 194 28.70 -7.68 14.24
N ASP A 195 29.48 -7.82 15.31
CA ASP A 195 29.10 -8.66 16.44
C ASP A 195 28.22 -7.93 17.42
N ALA A 196 28.38 -6.62 17.52
CA ALA A 196 27.64 -5.80 18.47
C ALA A 196 27.52 -4.43 17.83
N ILE A 197 26.56 -3.65 18.28
CA ILE A 197 26.17 -2.42 17.59
C ILE A 197 25.92 -1.32 18.61
N VAL A 198 26.47 -0.13 18.33
CA VAL A 198 26.18 1.08 19.10
C VAL A 198 25.38 2.04 18.22
N LEU A 199 24.26 2.50 18.72
CA LEU A 199 23.38 3.40 17.98
C LEU A 199 23.50 4.82 18.53
N ASP A 200 23.83 5.77 17.66
CA ASP A 200 23.67 7.18 17.98
C ASP A 200 22.41 7.68 17.26
N VAL A 201 21.34 7.85 18.01
CA VAL A 201 20.04 8.25 17.47
C VAL A 201 19.89 9.75 17.71
N LYS A 202 19.95 10.55 16.65
CA LYS A 202 19.89 11.99 16.81
C LYS A 202 18.46 12.43 17.08
N THR A 203 18.32 13.51 17.85
CA THR A 203 17.00 14.06 18.10
C THR A 203 17.12 15.57 18.20
N GLY A 204 15.99 16.24 18.24
CA GLY A 204 15.92 17.68 18.32
C GLY A 204 15.49 18.30 17.00
N ALA A 205 15.50 19.63 17.01
CA ALA A 205 15.08 20.42 15.87
C ALA A 205 15.82 20.00 14.61
N GLY A 206 15.06 19.66 13.56
CA GLY A 206 15.62 19.26 12.30
C GLY A 206 15.92 17.78 12.15
N ALA A 207 16.06 17.04 13.25
CA ALA A 207 16.37 15.62 13.16
C ALA A 207 15.14 14.83 12.69
N PHE A 208 15.37 13.58 12.26
CA PHE A 208 14.24 12.78 11.83
C PHE A 208 13.32 12.44 12.99
N MET A 209 13.88 12.04 14.13
CA MET A 209 13.10 11.89 15.35
C MET A 209 13.10 13.23 16.09
N LYS A 210 11.94 13.87 16.14
CA LYS A 210 11.88 15.24 16.63
CA LYS A 210 11.85 15.25 16.64
C LYS A 210 11.99 15.32 18.15
N THR A 211 11.44 14.33 18.86
CA THR A 211 11.44 14.34 20.31
C THR A 211 12.33 13.22 20.86
N GLU A 212 12.89 13.47 22.06
CA GLU A 212 13.59 12.42 22.80
C GLU A 212 12.74 11.18 22.92
N GLU A 213 11.43 11.35 23.15
CA GLU A 213 10.56 10.19 23.32
C GLU A 213 10.45 9.38 22.05
N ASP A 214 10.35 10.05 20.89
CA ASP A 214 10.30 9.35 19.62
C ASP A 214 11.61 8.64 19.33
N ALA A 215 12.73 9.32 19.57
CA ALA A 215 14.04 8.72 19.33
C ALA A 215 14.25 7.53 20.26
N ALA A 216 13.85 7.67 21.53
CA ALA A 216 13.97 6.56 22.47
C ALA A 216 13.13 5.36 22.01
N GLU A 217 11.94 5.61 21.47
CA GLU A 217 11.10 4.51 21.01
C GLU A 217 11.77 3.74 19.89
N LEU A 218 12.38 4.45 18.94
CA LEU A 218 13.14 3.79 17.87
C LEU A 218 14.37 3.07 18.41
N ALA A 219 15.11 3.72 19.31
CA ALA A 219 16.30 3.08 19.86
C ALA A 219 15.96 1.78 20.59
N LYS A 220 14.92 1.80 21.42
CA LYS A 220 14.52 0.59 22.15
C LYS A 220 14.11 -0.52 21.19
N ALA A 221 13.46 -0.17 20.08
CA ALA A 221 13.08 -1.19 19.11
C ALA A 221 14.30 -1.82 18.46
N MET A 222 15.32 -1.02 18.18
CA MET A 222 16.53 -1.54 17.56
C MET A 222 17.37 -2.33 18.56
N VAL A 223 17.41 -1.89 19.81
CA VAL A 223 18.09 -2.67 20.85
C VAL A 223 17.42 -4.04 21.01
N ARG A 224 16.08 -4.08 21.00
CA ARG A 224 15.36 -5.34 21.14
CA ARG A 224 15.39 -5.35 21.16
C ARG A 224 15.66 -6.27 19.98
N ILE A 225 15.69 -5.73 18.76
CA ILE A 225 16.05 -6.53 17.58
C ILE A 225 17.44 -7.12 17.75
N GLY A 226 18.41 -6.26 18.08
CA GLY A 226 19.79 -6.73 18.21
C GLY A 226 19.91 -7.85 19.21
N ASN A 227 19.30 -7.67 20.38
CA ASN A 227 19.39 -8.71 21.39
C ASN A 227 18.65 -9.98 20.94
N ASN A 228 17.58 -9.84 20.16
CA ASN A 228 16.84 -11.01 19.70
C ASN A 228 17.60 -11.78 18.62
N VAL A 229 18.43 -11.11 17.83
CA VAL A 229 19.23 -11.79 16.81
C VAL A 229 20.66 -12.05 17.27
N GLY A 230 20.95 -11.91 18.56
CA GLY A 230 22.27 -12.27 19.07
C GLY A 230 23.39 -11.28 18.81
N ARG A 231 23.07 -10.02 18.51
CA ARG A 231 24.05 -8.97 18.32
C ARG A 231 23.75 -7.90 19.36
N GLN A 232 24.44 -7.97 20.50
CA GLN A 232 24.14 -7.08 21.60
C GLN A 232 24.24 -5.64 21.13
N THR A 233 23.27 -4.82 21.54
CA THR A 233 23.10 -3.48 21.00
C THR A 233 22.85 -2.48 22.13
N MET A 234 23.41 -1.29 22.00
CA MET A 234 23.20 -0.20 22.94
C MET A 234 22.97 1.08 22.15
N ALA A 235 22.31 2.05 22.78
CA ALA A 235 21.96 3.29 22.11
C ALA A 235 22.28 4.50 22.98
N VAL A 236 22.59 5.60 22.28
CA VAL A 236 22.66 6.93 22.86
C VAL A 236 21.68 7.79 22.09
N ILE A 237 20.88 8.57 22.80
CA ILE A 237 19.99 9.55 22.18
C ILE A 237 20.63 10.92 22.44
N SER A 238 21.12 11.57 21.40
CA SER A 238 21.89 12.80 21.55
C SER A 238 21.26 13.90 20.69
N ASP A 239 21.54 15.14 21.06
CA ASP A 239 20.89 16.28 20.44
C ASP A 239 21.64 16.73 19.19
N MET A 240 20.86 17.08 18.15
CA MET A 240 21.40 17.54 16.87
C MET A 240 20.74 18.84 16.41
N SER A 241 20.20 19.64 17.34
CA SER A 241 19.54 20.89 16.97
C SER A 241 20.53 21.93 16.45
N GLN A 242 21.79 21.83 16.83
CA GLN A 242 22.86 22.67 16.31
C GLN A 242 24.00 21.76 15.87
N PRO A 243 24.90 22.26 15.02
CA PRO A 243 26.02 21.40 14.60
C PRO A 243 26.89 21.00 15.77
N LEU A 244 27.57 19.86 15.61
CA LEU A 244 28.51 19.39 16.62
C LEU A 244 29.89 20.03 16.44
N GLY A 245 30.48 20.44 17.54
CA GLY A 245 31.82 21.00 17.49
C GLY A 245 31.82 22.33 16.76
N PHE A 246 32.97 22.66 16.18
CA PHE A 246 33.14 23.89 15.41
C PHE A 246 33.43 23.65 13.94
N ALA A 247 34.19 22.61 13.62
CA ALA A 247 34.66 22.40 12.26
C ALA A 247 33.61 21.67 11.43
N ILE A 248 33.30 22.21 10.26
CA ILE A 248 32.36 21.62 9.33
C ILE A 248 33.05 21.56 7.97
N GLY A 249 33.45 20.36 7.57
CA GLY A 249 34.16 20.16 6.32
C GLY A 249 34.87 18.82 6.32
N ASN A 250 36.07 18.78 5.71
CA ASN A 250 36.82 17.54 5.60
C ASN A 250 38.17 17.65 6.31
N ALA A 251 39.15 18.34 5.73
CA ALA A 251 40.41 18.56 6.44
C ALA A 251 40.19 19.29 7.75
N LEU A 252 39.24 20.24 7.78
CA LEU A 252 38.97 20.95 9.02
C LEU A 252 38.50 20.02 10.12
N GLU A 253 37.80 18.94 9.75
CA GLU A 253 37.32 18.01 10.76
C GLU A 253 38.41 17.03 11.20
N VAL A 254 39.33 16.67 10.29
CA VAL A 254 40.53 15.93 10.70
C VAL A 254 41.31 16.74 11.73
N LYS A 255 41.50 18.03 11.47
CA LYS A 255 42.22 18.89 12.40
C LYS A 255 41.51 18.93 13.74
N GLU A 256 40.18 19.12 13.74
CA GLU A 256 39.46 19.16 15.01
C GLU A 256 39.49 17.81 15.70
N ALA A 257 39.39 16.73 14.92
CA ALA A 257 39.40 15.38 15.50
C ALA A 257 40.70 15.12 16.24
N ILE A 258 41.81 15.62 15.71
CA ILE A 258 43.10 15.51 16.40
C ILE A 258 43.05 16.20 17.76
N ASP A 259 42.38 17.35 17.84
CA ASP A 259 42.20 18.00 19.13
C ASP A 259 41.41 17.10 20.08
N THR A 260 40.30 16.54 19.59
CA THR A 260 39.50 15.66 20.44
C THR A 260 40.30 14.44 20.90
N LEU A 261 41.19 13.92 20.05
CA LEU A 261 41.97 12.74 20.43
C LEU A 261 42.99 13.05 21.51
N LYS A 262 43.42 14.31 21.65
CA LYS A 262 44.34 14.76 22.69
C LYS A 262 43.63 15.07 24.01
N GLY A 263 42.32 14.86 24.09
CA GLY A 263 41.57 15.26 25.27
C GLY A 263 41.16 16.71 25.30
N GLU A 264 41.43 17.48 24.24
CA GLU A 264 40.99 18.87 24.15
C GLU A 264 39.82 19.00 23.18
N GLY A 265 39.73 20.11 22.42
CA GLY A 265 38.66 20.26 21.45
C GLY A 265 37.32 20.62 22.06
N PRO A 266 36.27 20.73 21.22
CA PRO A 266 34.97 21.19 21.73
C PRO A 266 34.37 20.26 22.78
N GLU A 267 33.71 20.86 23.77
CA GLU A 267 33.14 20.09 24.87
C GLU A 267 32.11 19.08 24.39
N ASP A 268 31.25 19.46 23.44
CA ASP A 268 30.14 18.57 23.07
C ASP A 268 30.66 17.30 22.41
N LEU A 269 31.58 17.43 21.46
CA LEU A 269 32.11 16.24 20.81
C LEU A 269 32.94 15.40 21.78
N HIS A 270 33.60 16.05 22.74
CA HIS A 270 34.31 15.31 23.78
C HIS A 270 33.35 14.40 24.55
N GLU A 271 32.20 14.96 24.95
CA GLU A 271 31.23 14.21 25.74
C GLU A 271 30.57 13.11 24.91
N LEU A 272 30.25 13.39 23.64
CA LEU A 272 29.56 12.39 22.82
C LEU A 272 30.49 11.24 22.46
N VAL A 273 31.75 11.55 22.16
CA VAL A 273 32.75 10.53 21.88
C VAL A 273 32.98 9.64 23.09
N LEU A 274 33.07 10.23 24.29
CA LEU A 274 33.24 9.43 25.49
C LEU A 274 32.01 8.58 25.76
N THR A 275 30.81 9.11 25.49
CA THR A 275 29.58 8.38 25.76
C THR A 275 29.41 7.23 24.79
N LEU A 276 29.57 7.49 23.49
CA LEU A 276 29.52 6.42 22.50
C LEU A 276 30.65 5.42 22.71
N GLY A 277 31.87 5.92 22.93
CA GLY A 277 33.00 5.03 23.09
C GLY A 277 32.85 4.13 24.30
N SER A 278 32.25 4.64 25.38
CA SER A 278 32.04 3.82 26.57
C SER A 278 31.24 2.58 26.25
N GLN A 279 30.16 2.74 25.48
CA GLN A 279 29.34 1.60 25.09
C GLN A 279 30.13 0.64 24.22
N MET A 280 30.92 1.16 23.29
CA MET A 280 31.71 0.29 22.43
C MET A 280 32.70 -0.52 23.25
N VAL A 281 33.32 0.11 24.24
CA VAL A 281 34.34 -0.58 25.03
C VAL A 281 33.72 -1.68 25.88
N VAL A 282 32.57 -1.40 26.50
CA VAL A 282 31.89 -2.44 27.28
C VAL A 282 31.45 -3.58 26.38
N LEU A 283 30.85 -3.26 25.23
CA LEU A 283 30.36 -4.31 24.34
C LEU A 283 31.50 -5.21 23.85
N ALA A 284 32.67 -4.63 23.63
CA ALA A 284 33.81 -5.43 23.21
C ALA A 284 34.46 -6.13 24.39
N LYS A 285 33.92 -5.97 25.59
CA LYS A 285 34.44 -6.58 26.82
C LYS A 285 35.85 -6.07 27.14
N LYS A 286 36.10 -4.78 26.93
CA LYS A 286 37.36 -4.17 27.35
C LYS A 286 37.19 -3.30 28.59
N ALA A 287 35.99 -3.24 29.17
CA ALA A 287 35.80 -2.69 30.50
C ALA A 287 34.51 -3.27 31.04
N ASP A 288 34.40 -3.30 32.37
CA ASP A 288 33.30 -3.98 33.03
C ASP A 288 32.07 -3.10 33.17
N THR A 289 32.24 -1.78 33.29
CA THR A 289 31.13 -0.84 33.42
C THR A 289 31.35 0.34 32.49
N LEU A 290 30.29 1.13 32.28
CA LEU A 290 30.43 2.28 31.40
C LEU A 290 31.28 3.38 32.05
N ASP A 291 31.20 3.53 33.37
CA ASP A 291 32.04 4.49 34.06
C ASP A 291 33.51 4.12 33.91
N GLU A 292 33.84 2.84 34.05
CA GLU A 292 35.22 2.41 33.88
C GLU A 292 35.71 2.61 32.45
N ALA A 293 34.86 2.28 31.47
CA ALA A 293 35.23 2.53 30.07
C ALA A 293 35.53 4.01 29.82
N ARG A 294 34.70 4.91 30.34
CA ARG A 294 34.96 6.33 30.17
CA ARG A 294 34.97 6.33 30.14
C ARG A 294 36.31 6.72 30.75
N ALA A 295 36.61 6.23 31.95
CA ALA A 295 37.91 6.51 32.56
C ALA A 295 39.07 6.04 31.68
N LYS A 296 38.99 4.82 31.14
CA LYS A 296 40.06 4.32 30.27
C LYS A 296 40.19 5.16 29.00
N LEU A 297 39.06 5.55 28.39
CA LEU A 297 39.12 6.41 27.21
C LEU A 297 39.73 7.77 27.55
N GLU A 298 39.28 8.37 28.66
CA GLU A 298 39.89 9.63 29.08
C GLU A 298 41.39 9.48 29.23
N GLU A 299 41.85 8.32 29.74
CA GLU A 299 43.28 8.17 30.02
C GLU A 299 44.09 8.02 28.72
N VAL A 300 43.56 7.34 27.71
CA VAL A 300 44.34 7.22 26.47
C VAL A 300 44.31 8.54 25.70
N MET A 301 43.34 9.40 26.00
CA MET A 301 43.41 10.76 25.47
CA MET A 301 43.39 10.78 25.51
C MET A 301 44.54 11.54 26.13
N LYS A 302 44.69 11.43 27.45
CA LYS A 302 45.67 12.25 28.16
C LYS A 302 47.09 11.78 27.91
N ASN A 303 47.32 10.46 27.89
CA ASN A 303 48.68 9.95 27.75
C ASN A 303 49.12 9.82 26.30
N GLY A 304 48.30 10.27 25.35
CA GLY A 304 48.70 10.32 23.97
C GLY A 304 48.65 9.00 23.21
N LYS A 305 48.16 7.93 23.82
CA LYS A 305 48.11 6.65 23.11
C LYS A 305 47.03 6.66 22.03
N ALA A 306 45.93 7.39 22.22
CA ALA A 306 44.94 7.51 21.16
C ALA A 306 45.52 8.21 19.94
N LEU A 307 46.26 9.30 20.16
CA LEU A 307 46.92 9.99 19.07
C LEU A 307 47.92 9.07 18.37
N GLU A 308 48.70 8.32 19.15
CA GLU A 308 49.65 7.36 18.58
C GLU A 308 48.94 6.31 17.74
N LYS A 309 47.79 5.83 18.19
CA LYS A 309 47.02 4.87 17.39
C LYS A 309 46.60 5.49 16.07
N PHE A 310 46.19 6.78 16.09
CA PHE A 310 45.79 7.46 14.86
C PHE A 310 46.96 7.57 13.89
N LYS A 311 48.17 7.79 14.40
CA LYS A 311 49.34 7.83 13.52
C LYS A 311 49.60 6.47 12.88
N ASP A 312 49.55 5.39 13.67
CA ASP A 312 49.75 4.05 13.13
C ASP A 312 48.75 3.74 12.05
N PHE A 313 47.47 4.06 12.32
CA PHE A 313 46.40 3.79 11.38
C PHE A 313 46.67 4.49 10.04
N LEU A 314 47.01 5.79 10.09
CA LEU A 314 47.32 6.50 8.85
C LEU A 314 48.49 5.87 8.14
N LYS A 315 49.55 5.55 8.89
CA LYS A 315 50.76 5.01 8.29
C LYS A 315 50.51 3.68 7.60
N ASN A 316 49.71 2.80 8.23
CA ASN A 316 49.47 1.47 7.67
C ASN A 316 48.76 1.53 6.33
N GLN A 317 48.04 2.61 6.03
CA GLN A 317 47.33 2.72 4.77
C GLN A 317 47.84 3.89 3.95
N GLY A 318 49.14 4.13 4.01
CA GLY A 318 49.82 5.00 3.07
C GLY A 318 49.83 6.48 3.41
N GLY A 319 49.12 6.91 4.44
CA GLY A 319 49.05 8.32 4.75
C GLY A 319 50.30 8.84 5.46
N ASP A 320 50.52 10.16 5.32
CA ASP A 320 51.62 10.85 5.99
C ASP A 320 51.21 11.11 7.44
N SER A 321 51.76 10.30 8.34
CA SER A 321 51.35 10.36 9.75
CA SER A 321 51.37 10.35 9.75
C SER A 321 51.86 11.62 10.46
N SER A 322 52.90 12.28 9.93
CA SER A 322 53.41 13.47 10.60
C SER A 322 52.38 14.58 10.69
N ILE A 323 51.31 14.50 9.90
CA ILE A 323 50.28 15.54 9.93
C ILE A 323 49.55 15.57 11.27
N VAL A 324 49.59 14.48 12.04
CA VAL A 324 48.99 14.49 13.36
C VAL A 324 49.70 15.49 14.27
N ASP A 325 51.04 15.51 14.23
CA ASP A 325 51.78 16.45 15.05
C ASP A 325 51.72 17.87 14.51
N ASP A 326 51.56 18.02 13.20
CA ASP A 326 51.49 19.34 12.57
C ASP A 326 50.36 19.37 11.56
N PRO A 327 49.13 19.66 11.99
CA PRO A 327 47.97 19.63 11.07
C PRO A 327 47.95 20.75 10.06
N SER A 328 48.83 21.75 10.15
CA SER A 328 48.92 22.72 9.07
C SER A 328 49.44 22.09 7.79
N LYS A 329 49.97 20.86 7.85
CA LYS A 329 50.33 20.14 6.63
C LYS A 329 49.12 19.72 5.82
N LEU A 330 47.93 19.73 6.43
CA LEU A 330 46.70 19.37 5.73
C LEU A 330 46.37 20.39 4.65
N PRO A 331 45.49 20.04 3.71
CA PRO A 331 45.08 21.02 2.70
C PRO A 331 44.48 22.27 3.32
N GLN A 332 45.02 23.42 2.93
N GLN A 332 45.02 23.42 2.95
CA GLN A 332 44.53 24.72 3.38
CA GLN A 332 44.50 24.71 3.40
C GLN A 332 43.77 25.40 2.24
C GLN A 332 43.78 25.41 2.26
N ALA A 333 42.76 26.18 2.61
CA ALA A 333 41.95 26.90 1.63
C ALA A 333 42.58 28.25 1.33
N ALA A 334 42.42 28.68 0.07
CA ALA A 334 43.06 29.92 -0.39
C ALA A 334 42.55 31.13 0.35
N TYR A 335 41.26 31.13 0.70
CA TYR A 335 40.65 32.29 1.33
C TYR A 335 40.06 31.91 2.68
N GLN A 336 40.09 32.86 3.61
N GLN A 336 40.19 32.81 3.64
CA GLN A 336 39.65 32.68 4.99
CA GLN A 336 39.62 32.66 4.98
C GLN A 336 38.82 33.90 5.36
C GLN A 336 38.82 33.91 5.26
N ILE A 337 37.49 33.77 5.29
CA ILE A 337 36.58 34.90 5.36
C ILE A 337 35.78 34.83 6.65
N ASP A 338 35.97 35.82 7.53
CA ASP A 338 35.16 35.96 8.72
C ASP A 338 33.81 36.56 8.35
N VAL A 339 32.74 35.96 8.87
CA VAL A 339 31.39 36.49 8.70
C VAL A 339 30.97 37.14 10.01
N PRO A 340 31.06 38.46 10.12
CA PRO A 340 30.82 39.12 11.41
C PRO A 340 29.35 39.15 11.76
N ALA A 341 29.07 39.07 13.06
CA ALA A 341 27.71 39.17 13.55
C ALA A 341 27.19 40.58 13.33
N LYS A 342 25.96 40.68 12.83
CA LYS A 342 25.32 41.97 12.60
C LYS A 342 24.60 42.50 13.83
N GLU A 343 24.40 41.67 14.85
CA GLU A 343 23.68 42.06 16.06
C GLU A 343 24.40 41.50 17.28
N ALA A 344 24.07 42.06 18.44
CA ALA A 344 24.67 41.66 19.70
C ALA A 344 23.64 40.95 20.57
N GLY A 345 24.11 39.98 21.34
CA GLY A 345 23.24 39.22 22.22
C GLY A 345 23.79 37.83 22.52
N VAL A 346 22.94 36.81 22.38
CA VAL A 346 23.33 35.43 22.60
C VAL A 346 22.92 34.63 21.37
N VAL A 347 23.82 33.78 20.87
CA VAL A 347 23.44 32.92 19.75
C VAL A 347 22.34 31.98 20.20
N SER A 348 21.17 32.08 19.55
CA SER A 348 20.01 31.33 20.00
C SER A 348 19.63 30.18 19.08
N GLU A 349 20.11 30.17 17.84
CA GLU A 349 19.81 29.07 16.96
C GLU A 349 20.86 29.00 15.86
N ILE A 350 21.29 27.78 15.57
CA ILE A 350 22.09 27.48 14.38
C ILE A 350 21.41 26.30 13.70
N VAL A 351 20.73 26.58 12.59
CA VAL A 351 20.00 25.55 11.86
C VAL A 351 21.00 24.59 11.22
N ALA A 352 21.26 23.47 11.88
CA ALA A 352 22.43 22.64 11.56
C ALA A 352 22.41 22.20 10.10
N ASP A 353 21.26 21.75 9.58
CA ASP A 353 21.22 21.25 8.21
C ASP A 353 21.58 22.32 7.20
N GLU A 354 21.21 23.58 7.45
CA GLU A 354 21.48 24.65 6.51
C GLU A 354 22.93 25.09 6.53
N ILE A 355 23.55 25.08 7.69
CA ILE A 355 25.00 25.29 7.78
C ILE A 355 25.72 24.20 7.00
N GLY A 356 25.21 22.98 7.03
CA GLY A 356 25.79 21.93 6.21
C GLY A 356 25.68 22.23 4.72
N VAL A 357 24.53 22.75 4.29
CA VAL A 357 24.37 23.09 2.87
C VAL A 357 25.36 24.17 2.49
N ALA A 358 25.48 25.21 3.32
CA ALA A 358 26.44 26.27 3.04
C ALA A 358 27.85 25.69 2.92
N ALA A 359 28.20 24.73 3.79
CA ALA A 359 29.49 24.08 3.67
C ALA A 359 29.63 23.39 2.31
N MET A 360 28.58 22.67 1.89
CA MET A 360 28.60 22.01 0.59
C MET A 360 28.75 23.03 -0.53
N LEU A 361 28.02 24.14 -0.46
CA LEU A 361 28.13 25.19 -1.48
C LEU A 361 29.55 25.75 -1.59
N LEU A 362 30.37 25.60 -0.56
CA LEU A 362 31.78 25.95 -0.69
C LEU A 362 32.60 24.86 -1.39
N GLY A 363 32.03 23.68 -1.58
CA GLY A 363 32.72 22.55 -2.16
C GLY A 363 33.04 21.39 -1.20
N ALA A 364 32.43 21.35 -0.02
CA ALA A 364 32.81 20.38 1.00
C ALA A 364 32.09 19.04 0.87
N GLY A 365 31.11 18.94 -0.02
CA GLY A 365 30.38 17.68 -0.18
C GLY A 365 29.75 17.62 -1.55
N ARG A 366 29.19 16.45 -1.85
CA ARG A 366 28.62 16.18 -3.16
C ARG A 366 27.11 16.34 -3.11
N ALA A 367 26.58 17.24 -3.96
CA ALA A 367 25.14 17.34 -4.15
C ALA A 367 24.64 16.28 -5.14
N THR A 368 25.37 16.08 -6.23
CA THR A 368 25.11 15.01 -7.18
C THR A 368 26.26 14.01 -7.14
N LYS A 369 26.07 12.87 -7.80
CA LYS A 369 26.96 11.73 -7.59
C LYS A 369 28.39 12.01 -8.04
N GLU A 370 28.57 12.81 -9.09
CA GLU A 370 29.88 12.98 -9.71
C GLU A 370 30.65 14.19 -9.18
N ASP A 371 30.05 14.99 -8.30
CA ASP A 371 30.64 16.25 -7.87
C ASP A 371 32.02 16.05 -7.24
N GLU A 372 32.86 17.06 -7.38
CA GLU A 372 34.19 17.06 -6.78
C GLU A 372 34.15 17.74 -5.41
N ILE A 373 34.90 17.18 -4.47
CA ILE A 373 35.03 17.75 -3.13
C ILE A 373 36.40 18.40 -3.02
N ASP A 374 36.42 19.67 -2.63
CA ASP A 374 37.64 20.33 -2.17
C ASP A 374 37.78 20.00 -0.68
N LEU A 375 38.80 19.21 -0.33
CA LEU A 375 38.94 18.77 1.05
C LEU A 375 39.43 19.86 1.99
N ALA A 376 39.87 21.01 1.45
CA ALA A 376 40.35 22.12 2.27
C ALA A 376 39.25 23.08 2.70
N VAL A 377 38.13 23.12 1.98
CA VAL A 377 37.11 24.12 2.24
C VAL A 377 36.17 23.66 3.35
N GLY A 378 35.44 24.61 3.90
CA GLY A 378 34.46 24.33 4.93
C GLY A 378 34.16 25.59 5.73
N ILE A 379 33.59 25.36 6.91
CA ILE A 379 33.16 26.43 7.81
C ILE A 379 33.68 26.11 9.21
N MET A 380 34.26 27.12 9.87
CA MET A 380 34.53 27.06 11.30
C MET A 380 33.49 27.93 12.01
N LEU A 381 32.61 27.29 12.76
CA LEU A 381 31.78 28.04 13.69
C LEU A 381 32.68 28.66 14.76
N ARG A 382 32.40 29.92 15.10
CA ARG A 382 33.11 30.62 16.16
C ARG A 382 32.25 30.83 17.39
N LYS A 383 30.96 30.53 17.29
CA LYS A 383 30.01 30.59 18.38
C LYS A 383 29.08 29.40 18.27
N LYS A 384 28.63 28.92 19.43
CA LYS A 384 27.63 27.87 19.54
CA LYS A 384 27.62 27.89 19.51
C LYS A 384 26.39 28.46 20.21
N VAL A 385 25.32 27.68 20.22
CA VAL A 385 24.11 28.17 20.87
C VAL A 385 24.41 28.39 22.34
N GLY A 386 23.97 29.54 22.86
CA GLY A 386 24.24 29.92 24.23
C GLY A 386 25.43 30.85 24.41
N ASP A 387 26.23 31.07 23.36
CA ASP A 387 27.42 31.92 23.48
C ASP A 387 27.07 33.38 23.25
N LYS A 388 27.62 34.26 24.10
CA LYS A 388 27.41 35.69 23.90
C LYS A 388 28.15 36.14 22.64
N VAL A 389 27.64 37.20 22.04
CA VAL A 389 28.21 37.70 20.80
C VAL A 389 27.97 39.22 20.72
N GLU A 390 28.95 39.94 20.19
CA GLU A 390 28.85 41.37 19.98
C GLU A 390 28.89 41.68 18.50
N LYS A 391 28.32 42.85 18.14
CA LYS A 391 28.34 43.32 16.76
C LYS A 391 29.76 43.33 16.21
N GLY A 392 29.93 42.77 15.01
CA GLY A 392 31.21 42.69 14.36
C GLY A 392 32.06 41.50 14.77
N GLU A 393 31.72 40.85 15.87
CA GLU A 393 32.46 39.65 16.29
C GLU A 393 32.12 38.48 15.36
N PRO A 394 33.12 37.77 14.85
CA PRO A 394 32.84 36.72 13.85
C PRO A 394 31.97 35.61 14.41
N LEU A 395 30.91 35.28 13.66
CA LEU A 395 30.06 34.13 13.95
C LEU A 395 30.65 32.84 13.37
N VAL A 396 31.06 32.89 12.11
CA VAL A 396 31.75 31.78 11.47
C VAL A 396 32.91 32.32 10.65
N THR A 397 33.87 31.45 10.36
CA THR A 397 34.91 31.70 9.39
C THR A 397 34.71 30.75 8.23
N LEU A 398 34.65 31.28 7.01
CA LEU A 398 34.51 30.46 5.82
C LEU A 398 35.90 30.14 5.27
N TYR A 399 36.12 28.89 4.93
CA TYR A 399 37.34 28.45 4.27
C TYR A 399 36.97 28.12 2.83
N ALA A 400 37.46 28.94 1.89
CA ALA A 400 37.05 28.85 0.50
C ALA A 400 38.27 28.87 -0.41
N ASN A 401 38.13 28.18 -1.54
CA ASN A 401 39.09 28.28 -2.62
C ASN A 401 38.68 29.32 -3.65
N ARG A 402 37.64 30.10 -3.34
CA ARG A 402 37.01 31.02 -4.25
C ARG A 402 36.90 32.37 -3.56
N GLU A 403 37.11 33.44 -4.32
CA GLU A 403 37.02 34.81 -3.81
C GLU A 403 35.64 35.29 -3.31
N ASN A 404 34.60 34.93 -4.06
CA ASN A 404 33.25 35.31 -3.79
C ASN A 404 32.44 34.19 -3.25
N VAL A 405 31.88 34.36 -2.07
CA VAL A 405 31.07 33.33 -1.44
C VAL A 405 29.73 33.92 -0.98
N ASP A 406 29.34 35.06 -1.54
CA ASP A 406 28.12 35.75 -1.11
C ASP A 406 26.90 34.86 -0.82
N GLU A 407 26.62 33.88 -1.69
CA GLU A 407 25.52 32.96 -1.45
C GLU A 407 25.71 32.19 -0.14
N VAL A 408 26.95 31.75 0.12
CA VAL A 408 27.23 31.05 1.37
C VAL A 408 27.06 31.99 2.56
N ILE A 409 27.45 33.27 2.40
CA ILE A 409 27.27 34.24 3.47
C ILE A 409 25.79 34.43 3.78
N ALA A 410 24.97 34.56 2.74
CA ALA A 410 23.54 34.79 2.95
C ALA A 410 22.88 33.60 3.64
N LYS A 411 23.31 32.38 3.29
CA LYS A 411 22.73 31.22 3.94
C LYS A 411 23.14 31.14 5.41
N VAL A 412 24.40 31.48 5.72
CA VAL A 412 24.83 31.50 7.11
C VAL A 412 23.97 32.48 7.91
N TYR A 413 23.79 33.68 7.36
CA TYR A 413 23.03 34.71 8.07
C TYR A 413 21.57 34.30 8.26
N ASP A 414 20.95 33.69 7.24
CA ASP A 414 19.55 33.29 7.35
C ASP A 414 19.33 32.20 8.39
N ASN A 415 20.39 31.50 8.81
CA ASN A 415 20.20 30.28 9.60
C ASN A 415 21.00 30.30 10.89
N ILE A 416 21.41 31.48 11.35
CA ILE A 416 21.96 31.68 12.69
C ILE A 416 21.21 32.84 13.32
N ARG A 417 20.51 32.59 14.43
CA ARG A 417 19.73 33.62 15.10
CA ARG A 417 19.72 33.61 15.12
C ARG A 417 20.46 34.10 16.37
N ILE A 418 20.25 35.37 16.69
CA ILE A 418 20.76 35.97 17.91
C ILE A 418 19.57 36.51 18.69
N ALA A 419 19.49 36.18 19.97
CA ALA A 419 18.44 36.67 20.85
C ALA A 419 19.08 37.32 22.06
N ALA A 420 18.26 37.83 22.97
CA ALA A 420 18.79 38.39 24.20
C ALA A 420 19.18 37.32 25.21
N GLU A 421 18.60 36.12 25.09
CA GLU A 421 18.85 35.01 25.99
C GLU A 421 18.70 33.72 25.20
N ALA A 422 19.51 32.73 25.55
CA ALA A 422 19.43 31.43 24.88
C ALA A 422 20.04 30.37 25.78
N LYS A 423 19.55 29.14 25.66
CA LYS A 423 20.09 28.03 26.42
C LYS A 423 20.17 26.83 25.50
N ALA A 424 21.38 26.32 25.29
CA ALA A 424 21.57 25.17 24.43
C ALA A 424 20.85 23.94 25.01
N PRO A 425 20.33 23.07 24.15
CA PRO A 425 19.74 21.82 24.64
C PRO A 425 20.81 20.95 25.28
N LYS A 426 20.39 20.11 26.23
CA LYS A 426 21.28 19.11 26.76
C LYS A 426 21.70 18.16 25.66
N LEU A 427 22.99 17.80 25.63
CA LEU A 427 23.50 17.03 24.52
C LEU A 427 23.10 15.56 24.61
N ILE A 428 23.29 14.92 25.76
CA ILE A 428 23.02 13.49 25.93
C ILE A 428 21.68 13.37 26.64
N HIS A 429 20.65 12.93 25.90
CA HIS A 429 19.32 12.85 26.50
C HIS A 429 19.12 11.54 27.27
N THR A 430 19.44 10.42 26.66
CA THR A 430 19.10 9.12 27.22
C THR A 430 20.13 8.11 26.77
N LEU A 431 20.37 7.11 27.61
CA LEU A 431 21.15 5.94 27.26
C LEU A 431 20.25 4.72 27.36
N ILE A 432 20.32 3.83 26.37
CA ILE A 432 19.70 2.51 26.44
C ILE A 432 20.84 1.49 26.44
N THR A 433 21.08 0.88 27.60
CA THR A 433 22.19 -0.05 27.77
C THR A 433 21.76 -1.50 27.87
N GLU A 434 20.46 -1.79 27.84
CA GLU A 434 19.97 -3.16 27.89
C GLU A 434 18.56 -3.26 27.32
N ALA B 1 6.09 10.01 -7.30
CA ALA B 1 6.03 11.45 -7.45
C ALA B 1 5.45 12.12 -6.19
N MET B 2 5.82 13.40 -6.03
CA MET B 2 5.72 14.10 -4.75
C MET B 2 4.28 14.33 -4.33
N ARG B 3 3.47 14.88 -5.23
CA ARG B 3 2.10 15.22 -4.85
C ARG B 3 1.33 13.98 -4.37
N MET B 4 1.53 12.84 -5.03
CA MET B 4 0.81 11.64 -4.59
C MET B 4 1.29 11.19 -3.21
N VAL B 5 2.59 11.32 -2.90
CA VAL B 5 3.05 10.94 -1.57
C VAL B 5 2.33 11.78 -0.51
N ASP B 6 2.16 13.08 -0.78
CA ASP B 6 1.48 13.92 0.21
C ASP B 6 0.01 13.54 0.36
N ILE B 7 -0.61 13.09 -0.73
CA ILE B 7 -2.01 12.65 -0.66
C ILE B 7 -2.12 11.37 0.16
N ILE B 8 -1.22 10.42 -0.10
CA ILE B 8 -1.16 9.20 0.71
C ILE B 8 -1.02 9.55 2.19
N ILE B 9 -0.07 10.44 2.50
CA ILE B 9 0.17 10.78 3.90
C ILE B 9 -1.05 11.45 4.53
N LYS B 10 -1.74 12.31 3.77
CA LYS B 10 -2.97 12.94 4.26
C LYS B 10 -4.00 11.90 4.67
N LYS B 11 -4.30 10.97 3.76
CA LYS B 11 -5.27 9.93 4.05
C LYS B 11 -4.79 9.06 5.19
N GLN B 12 -3.52 8.67 5.16
CA GLN B 12 -2.96 7.86 6.21
C GLN B 12 -3.14 8.52 7.58
N ASN B 13 -3.06 9.86 7.64
CA ASN B 13 -3.32 10.62 8.85
C ASN B 13 -4.81 10.79 9.15
N GLY B 14 -5.70 10.19 8.37
CA GLY B 14 -7.13 10.29 8.66
C GLY B 14 -7.81 11.57 8.21
N LYS B 15 -7.19 12.34 7.33
CA LYS B 15 -7.83 13.56 6.86
C LYS B 15 -8.58 13.31 5.56
N GLU B 16 -9.50 14.23 5.25
CA GLU B 16 -10.21 14.19 3.99
C GLU B 16 -9.31 14.63 2.84
N LEU B 17 -9.39 13.93 1.72
CA LEU B 17 -8.78 14.42 0.49
C LEU B 17 -9.70 15.47 -0.14
N THR B 18 -9.09 16.54 -0.67
CA THR B 18 -9.88 17.53 -1.39
C THR B 18 -10.38 16.95 -2.70
N THR B 19 -11.36 17.65 -3.29
CA THR B 19 -11.86 17.28 -4.61
C THR B 19 -10.73 17.25 -5.63
N GLU B 20 -9.87 18.27 -5.60
CA GLU B 20 -8.69 18.34 -6.45
C GLU B 20 -7.82 17.10 -6.31
N GLU B 21 -7.50 16.71 -5.08
CA GLU B 21 -6.58 15.61 -4.86
C GLU B 21 -7.16 14.30 -5.38
N ILE B 22 -8.48 14.13 -5.24
CA ILE B 22 -9.14 12.90 -5.68
C ILE B 22 -9.14 12.82 -7.20
N GLN B 23 -9.49 13.93 -7.86
CA GLN B 23 -9.46 13.96 -9.32
C GLN B 23 -8.05 13.79 -9.86
N PHE B 24 -7.07 14.47 -9.23
CA PHE B 24 -5.67 14.30 -9.63
C PHE B 24 -5.28 12.83 -9.59
N PHE B 25 -5.62 12.14 -8.50
CA PHE B 25 -5.26 10.73 -8.39
C PHE B 25 -5.95 9.89 -9.46
N VAL B 26 -7.26 10.05 -9.61
CA VAL B 26 -7.98 9.18 -10.53
C VAL B 26 -7.50 9.41 -11.96
N ASN B 27 -7.30 10.67 -12.34
CA ASN B 27 -6.92 10.92 -13.73
C ASN B 27 -5.47 10.53 -13.99
N GLY B 28 -4.60 10.68 -13.02
CA GLY B 28 -3.22 10.29 -13.22
C GLY B 28 -3.03 8.80 -13.13
N TYR B 29 -3.81 8.13 -12.29
CA TYR B 29 -3.75 6.68 -12.29
C TYR B 29 -4.30 6.13 -13.60
N THR B 30 -5.34 6.76 -14.12
CA THR B 30 -5.93 6.33 -15.38
C THR B 30 -4.97 6.52 -16.56
N ASP B 31 -4.28 7.66 -16.63
CA ASP B 31 -3.45 7.90 -17.82
C ASP B 31 -2.04 7.34 -17.68
N GLY B 32 -1.73 6.67 -16.55
CA GLY B 32 -0.47 6.02 -16.37
C GLY B 32 0.63 6.86 -15.76
N SER B 33 0.34 8.11 -15.38
CA SER B 33 1.36 8.95 -14.77
C SER B 33 1.56 8.66 -13.29
N ILE B 34 0.57 8.06 -12.63
CA ILE B 34 0.66 7.68 -11.22
C ILE B 34 0.78 6.15 -11.18
N PRO B 35 1.85 5.59 -10.60
CA PRO B 35 2.08 4.15 -10.72
C PRO B 35 1.21 3.32 -9.79
N ASP B 36 1.06 2.06 -10.16
CA ASP B 36 0.21 1.15 -9.39
C ASP B 36 0.63 1.07 -7.92
N TYR B 37 1.94 1.15 -7.64
CA TYR B 37 2.36 1.01 -6.24
C TYR B 37 1.97 2.23 -5.41
N GLN B 38 1.78 3.40 -6.03
CA GLN B 38 1.23 4.50 -5.25
C GLN B 38 -0.28 4.35 -5.05
N ALA B 39 -0.97 3.85 -6.08
CA ALA B 39 -2.41 3.62 -5.99
C ALA B 39 -2.75 2.53 -4.96
N SER B 40 -1.93 1.47 -4.87
CA SER B 40 -2.23 0.44 -3.87
C SER B 40 -1.94 0.97 -2.47
N ALA B 41 -0.94 1.84 -2.32
CA ALA B 41 -0.68 2.44 -1.01
C ALA B 41 -1.84 3.31 -0.57
N LEU B 42 -2.38 4.13 -1.49
CA LEU B 42 -3.55 4.95 -1.17
C LEU B 42 -4.76 4.08 -0.90
N ALA B 43 -4.95 3.03 -1.71
CA ALA B 43 -6.12 2.15 -1.50
C ALA B 43 -6.07 1.51 -0.11
N MET B 44 -4.88 1.08 0.32
CA MET B 44 -4.73 0.49 1.64
C MET B 44 -4.96 1.52 2.73
N ALA B 45 -4.48 2.77 2.56
CA ALA B 45 -4.78 3.79 3.55
C ALA B 45 -6.28 4.07 3.61
N ILE B 46 -6.97 4.06 2.47
CA ILE B 46 -8.43 4.22 2.48
C ILE B 46 -9.09 3.05 3.20
N PHE B 47 -8.59 1.82 2.96
CA PHE B 47 -9.10 0.67 3.70
C PHE B 47 -9.12 0.95 5.20
N PHE B 48 -8.04 1.52 5.72
CA PHE B 48 -7.98 1.76 7.16
C PHE B 48 -8.72 3.02 7.57
N GLN B 49 -8.53 4.10 6.83
CA GLN B 49 -9.04 5.41 7.19
C GLN B 49 -10.42 5.87 6.63
N ASP B 50 -10.93 5.18 5.62
CA ASP B 50 -12.25 5.47 5.08
C ASP B 50 -12.29 6.82 4.35
N MET B 51 -13.48 7.20 3.91
CA MET B 51 -13.71 8.45 3.19
C MET B 51 -15.08 8.96 3.59
N SER B 52 -15.19 10.27 3.75
CA SER B 52 -16.48 10.89 4.02
C SER B 52 -17.42 10.73 2.82
N ASP B 53 -18.68 11.10 3.03
CA ASP B 53 -19.66 11.06 1.93
C ASP B 53 -19.25 12.01 0.80
N ARG B 54 -18.74 13.20 1.13
CA ARG B 54 -18.26 14.09 0.08
C ARG B 54 -17.09 13.48 -0.70
N GLU B 55 -16.10 12.92 0.01
CA GLU B 55 -15.01 12.22 -0.67
C GLU B 55 -15.52 11.05 -1.51
N ARG B 56 -16.50 10.30 -1.00
CA ARG B 56 -17.03 9.16 -1.75
C ARG B 56 -17.71 9.63 -3.04
N ALA B 57 -18.48 10.71 -2.96
CA ALA B 57 -19.12 11.25 -4.16
C ALA B 57 -18.08 11.79 -5.14
N ASP B 58 -17.09 12.55 -4.64
CA ASP B 58 -15.98 12.98 -5.48
C ASP B 58 -15.28 11.80 -6.16
N LEU B 59 -15.01 10.73 -5.42
CA LEU B 59 -14.35 9.59 -6.04
C LEU B 59 -15.25 8.92 -7.09
N THR B 60 -16.53 8.77 -6.76
CA THR B 60 -17.46 8.19 -7.74
C THR B 60 -17.47 9.00 -9.04
N MET B 61 -17.62 10.32 -8.95
CA MET B 61 -17.72 11.11 -10.17
C MET B 61 -16.39 11.21 -10.92
N ALA B 62 -15.25 11.23 -10.21
CA ALA B 62 -13.98 11.21 -10.94
C ALA B 62 -13.83 9.92 -11.74
N MET B 63 -14.28 8.80 -11.18
CA MET B 63 -14.20 7.55 -11.94
C MET B 63 -15.18 7.56 -13.10
N VAL B 64 -16.37 8.13 -12.88
CA VAL B 64 -17.33 8.34 -13.98
C VAL B 64 -16.67 9.09 -15.13
N ASN B 65 -15.95 10.17 -14.79
CA ASN B 65 -15.39 11.08 -15.79
C ASN B 65 -14.01 10.66 -16.29
N SER B 66 -13.50 9.50 -15.86
CA SER B 66 -12.15 9.12 -16.26
C SER B 66 -12.09 8.60 -17.69
N GLY B 67 -13.21 8.23 -18.28
CA GLY B 67 -13.25 7.83 -19.68
C GLY B 67 -14.54 8.23 -20.37
N GLU B 68 -14.99 7.40 -21.30
CA GLU B 68 -16.24 7.66 -22.01
C GLU B 68 -17.41 7.66 -21.04
N THR B 69 -18.43 8.45 -21.37
CA THR B 69 -19.73 8.35 -20.73
C THR B 69 -20.84 8.26 -21.79
N ILE B 70 -21.98 7.72 -21.39
CA ILE B 70 -23.11 7.52 -22.28
C ILE B 70 -24.17 8.57 -21.98
N ASP B 71 -24.48 9.39 -22.99
CA ASP B 71 -25.51 10.41 -22.87
C ASP B 71 -26.83 9.84 -23.39
N LEU B 72 -27.79 9.63 -22.50
CA LEU B 72 -29.12 9.11 -22.87
C LEU B 72 -30.20 10.19 -22.80
N SER B 73 -29.80 11.46 -22.81
CA SER B 73 -30.75 12.54 -22.66
C SER B 73 -31.77 12.62 -23.79
N ALA B 74 -31.46 12.10 -24.98
CA ALA B 74 -32.46 12.08 -26.05
C ALA B 74 -33.53 11.01 -25.87
N ILE B 75 -33.36 10.09 -24.92
CA ILE B 75 -34.41 9.14 -24.58
C ILE B 75 -35.34 9.81 -23.60
N GLU B 76 -36.63 9.89 -23.96
CA GLU B 76 -37.58 10.60 -23.12
C GLU B 76 -37.74 9.94 -21.75
N GLY B 77 -37.75 10.76 -20.71
CA GLY B 77 -38.12 10.35 -19.38
C GLY B 77 -36.92 10.09 -18.49
N ILE B 78 -37.18 9.37 -17.41
CA ILE B 78 -36.21 9.09 -16.35
C ILE B 78 -35.73 7.66 -16.54
N LYS B 79 -34.46 7.49 -16.94
CA LYS B 79 -33.92 6.16 -17.21
C LYS B 79 -33.42 5.57 -15.91
N VAL B 80 -34.14 4.55 -15.42
CA VAL B 80 -33.75 3.82 -14.22
C VAL B 80 -33.03 2.56 -14.65
N ASP B 81 -31.90 2.28 -14.02
CA ASP B 81 -31.23 1.04 -14.28
C ASP B 81 -31.07 0.28 -12.97
N LYS B 82 -31.15 -1.05 -13.06
CA LYS B 82 -30.92 -1.92 -11.91
C LYS B 82 -29.50 -2.46 -11.94
N HIS B 83 -28.85 -2.42 -10.79
CA HIS B 83 -27.59 -3.12 -10.61
C HIS B 83 -27.80 -4.26 -9.63
N SER B 84 -27.27 -5.42 -9.97
CA SER B 84 -27.29 -6.54 -9.05
C SER B 84 -25.93 -7.23 -9.09
N THR B 85 -25.51 -7.72 -7.91
CA THR B 85 -24.44 -8.71 -7.91
C THR B 85 -24.80 -9.93 -8.74
N GLY B 86 -26.10 -10.14 -8.99
CA GLY B 86 -26.57 -11.28 -9.72
C GLY B 86 -26.54 -12.53 -8.86
N GLY B 87 -27.21 -13.56 -9.35
CA GLY B 87 -27.20 -14.81 -8.63
C GLY B 87 -27.64 -15.93 -9.53
N VAL B 88 -27.36 -17.15 -9.07
CA VAL B 88 -27.82 -18.34 -9.77
C VAL B 88 -29.34 -18.29 -9.85
N GLY B 89 -29.86 -18.36 -11.08
CA GLY B 89 -31.29 -18.36 -11.31
C GLY B 89 -31.93 -16.98 -11.41
N ASP B 90 -31.17 -15.92 -11.17
CA ASP B 90 -31.74 -14.58 -11.18
C ASP B 90 -32.15 -14.22 -12.61
N THR B 91 -33.45 -14.16 -12.84
CA THR B 91 -34.01 -13.75 -14.12
C THR B 91 -34.56 -12.34 -14.10
N THR B 92 -34.27 -11.56 -13.05
CA THR B 92 -35.05 -10.32 -12.83
C THR B 92 -34.85 -9.33 -13.97
N THR B 93 -33.65 -9.22 -14.52
CA THR B 93 -33.44 -8.27 -15.60
C THR B 93 -34.28 -8.62 -16.82
N LEU B 94 -34.35 -9.92 -17.14
CA LEU B 94 -35.10 -10.36 -18.30
C LEU B 94 -36.60 -10.13 -18.13
N VAL B 95 -37.12 -10.35 -16.92
CA VAL B 95 -38.52 -10.05 -16.63
C VAL B 95 -38.75 -8.54 -16.58
N LEU B 96 -37.89 -7.82 -15.84
CA LEU B 96 -38.19 -6.43 -15.52
C LEU B 96 -38.25 -5.55 -16.77
N ALA B 97 -37.42 -5.84 -17.77
CA ALA B 97 -37.33 -4.94 -18.92
C ALA B 97 -38.66 -4.82 -19.67
N PRO B 98 -39.32 -5.91 -20.10
CA PRO B 98 -40.67 -5.72 -20.66
C PRO B 98 -41.71 -5.34 -19.61
N LEU B 99 -41.59 -5.84 -18.38
CA LEU B 99 -42.64 -5.59 -17.39
C LEU B 99 -42.77 -4.10 -17.03
N VAL B 100 -41.66 -3.43 -16.68
CA VAL B 100 -41.82 -2.01 -16.34
C VAL B 100 -42.03 -1.17 -17.60
N ALA B 101 -41.50 -1.62 -18.74
CA ALA B 101 -41.79 -0.92 -19.99
C ALA B 101 -43.27 -0.95 -20.33
N ALA B 102 -43.97 -2.01 -19.89
CA ALA B 102 -45.41 -2.05 -20.08
C ALA B 102 -46.13 -0.96 -19.27
N LEU B 103 -45.47 -0.39 -18.27
CA LEU B 103 -46.02 0.76 -17.57
C LEU B 103 -45.41 2.07 -18.04
N ASP B 104 -44.78 2.10 -19.21
CA ASP B 104 -44.15 3.30 -19.79
C ASP B 104 -42.87 3.72 -19.07
N VAL B 105 -42.25 2.82 -18.30
CA VAL B 105 -40.91 3.12 -17.76
C VAL B 105 -39.91 2.93 -18.88
N PRO B 106 -39.12 3.94 -19.25
CA PRO B 106 -38.15 3.78 -20.35
C PRO B 106 -37.00 2.89 -19.90
N VAL B 107 -36.84 1.76 -20.58
CA VAL B 107 -35.79 0.79 -20.27
C VAL B 107 -34.73 0.89 -21.36
N ALA B 108 -33.57 1.45 -21.03
CA ALA B 108 -32.47 1.61 -21.97
C ALA B 108 -31.30 0.81 -21.38
N LYS B 109 -31.27 -0.47 -21.69
CA LYS B 109 -30.45 -1.43 -20.95
C LYS B 109 -29.20 -1.80 -21.75
N MET B 110 -28.04 -1.60 -21.15
CA MET B 110 -26.78 -2.08 -21.71
C MET B 110 -26.28 -3.19 -20.80
N SER B 111 -26.14 -4.39 -21.34
CA SER B 111 -25.84 -5.56 -20.54
C SER B 111 -24.57 -6.25 -21.01
N GLY B 112 -23.90 -6.89 -20.07
CA GLY B 112 -22.70 -7.65 -20.35
C GLY B 112 -23.04 -9.13 -20.47
N ARG B 113 -22.23 -9.84 -21.27
CA ARG B 113 -22.34 -11.28 -21.30
C ARG B 113 -21.86 -11.85 -19.97
N GLY B 114 -22.00 -13.15 -19.82
CA GLY B 114 -21.83 -13.73 -18.52
C GLY B 114 -20.57 -14.52 -18.29
N LEU B 115 -19.63 -13.91 -17.59
CA LEU B 115 -18.67 -14.69 -16.81
C LEU B 115 -19.33 -15.04 -15.49
N GLY B 116 -19.54 -16.33 -15.27
CA GLY B 116 -20.23 -16.73 -14.07
C GLY B 116 -20.78 -18.13 -14.23
N HIS B 117 -21.82 -18.41 -13.47
CA HIS B 117 -22.44 -19.73 -13.46
C HIS B 117 -23.52 -19.86 -14.53
N THR B 118 -23.85 -18.76 -15.19
CA THR B 118 -24.68 -18.73 -16.38
C THR B 118 -24.27 -17.48 -17.13
N GLY B 119 -24.70 -17.36 -18.38
CA GLY B 119 -24.38 -16.18 -19.14
C GLY B 119 -24.96 -14.90 -18.57
N GLY B 120 -24.82 -13.81 -19.32
CA GLY B 120 -25.49 -12.58 -19.00
C GLY B 120 -26.86 -12.52 -19.65
N THR B 121 -27.54 -11.40 -19.44
CA THR B 121 -28.84 -11.22 -20.08
C THR B 121 -28.73 -11.35 -21.60
N ILE B 122 -27.63 -10.84 -22.17
CA ILE B 122 -27.39 -10.91 -23.61
C ILE B 122 -27.40 -12.36 -24.08
N ASP B 123 -26.70 -13.22 -23.36
CA ASP B 123 -26.70 -14.65 -23.69
C ASP B 123 -28.12 -15.21 -23.70
N LYS B 124 -28.91 -14.86 -22.69
CA LYS B 124 -30.27 -15.39 -22.58
C LYS B 124 -31.10 -14.96 -23.78
N LEU B 125 -31.02 -13.68 -24.13
CA LEU B 125 -31.78 -13.16 -25.26
C LEU B 125 -31.34 -13.78 -26.58
N GLU B 126 -30.05 -14.10 -26.72
CA GLU B 126 -29.61 -14.70 -27.95
C GLU B 126 -30.04 -16.16 -28.08
N ALA B 127 -30.68 -16.72 -27.06
CA ALA B 127 -31.40 -17.98 -27.25
C ALA B 127 -32.57 -17.79 -28.21
N ILE B 128 -33.11 -16.57 -28.29
CA ILE B 128 -34.19 -16.28 -29.23
C ILE B 128 -33.58 -16.02 -30.60
N MET B 129 -33.99 -16.78 -31.60
CA MET B 129 -33.43 -16.65 -32.91
C MET B 129 -33.64 -15.28 -33.50
N GLY B 130 -32.57 -14.77 -34.07
CA GLY B 130 -32.64 -13.49 -34.73
C GLY B 130 -32.43 -12.31 -33.82
N PHE B 131 -32.41 -12.50 -32.50
CA PHE B 131 -32.31 -11.36 -31.61
C PHE B 131 -30.94 -10.71 -31.75
N HIS B 132 -30.94 -9.39 -31.98
CA HIS B 132 -29.81 -8.64 -32.50
C HIS B 132 -29.50 -7.53 -31.51
N VAL B 133 -28.40 -7.68 -30.76
CA VAL B 133 -28.06 -6.68 -29.77
C VAL B 133 -27.13 -5.57 -30.25
N GLU B 134 -26.58 -5.68 -31.46
CA GLU B 134 -25.64 -4.65 -31.89
C GLU B 134 -26.34 -3.48 -32.55
N LEU B 135 -26.59 -2.41 -31.76
CA LEU B 135 -27.31 -1.26 -32.28
C LEU B 135 -26.39 -0.06 -32.25
N THR B 136 -26.58 0.83 -33.21
CA THR B 136 -25.98 2.14 -33.11
C THR B 136 -26.69 2.95 -32.03
N LYS B 137 -26.00 3.95 -31.51
CA LYS B 137 -26.61 4.85 -30.55
C LYS B 137 -27.94 5.39 -31.07
N ASP B 138 -28.00 5.79 -32.31
CA ASP B 138 -29.20 6.36 -32.93
C ASP B 138 -30.35 5.34 -32.99
N GLU B 139 -30.02 4.14 -33.40
CA GLU B 139 -31.03 3.09 -33.41
C GLU B 139 -31.57 2.85 -32.00
N PHE B 140 -30.67 2.72 -31.03
CA PHE B 140 -31.00 2.51 -29.61
C PHE B 140 -31.93 3.60 -29.09
N ILE B 141 -31.58 4.86 -29.35
CA ILE B 141 -32.39 5.98 -28.87
C ILE B 141 -33.81 5.89 -29.44
N LYS B 142 -33.91 5.69 -30.75
CA LYS B 142 -35.23 5.71 -31.38
C LYS B 142 -36.05 4.50 -30.99
N LEU B 143 -35.38 3.37 -30.71
CA LEU B 143 -36.08 2.17 -30.26
C LEU B 143 -36.72 2.38 -28.88
N VAL B 144 -35.98 2.97 -27.94
CA VAL B 144 -36.53 3.12 -26.59
C VAL B 144 -37.66 4.15 -26.60
N ASN B 145 -37.50 5.24 -27.35
CA ASN B 145 -38.57 6.22 -27.44
C ASN B 145 -39.82 5.59 -28.06
N ARG B 146 -39.65 4.67 -29.01
CA ARG B 146 -40.82 4.10 -29.68
C ARG B 146 -41.51 3.02 -28.84
N ASP B 147 -40.74 2.16 -28.17
CA ASP B 147 -41.34 1.01 -27.50
C ASP B 147 -41.03 0.89 -26.01
N LYS B 148 -40.24 1.80 -25.45
CA LYS B 148 -39.93 1.91 -24.02
C LYS B 148 -38.99 0.83 -23.53
N VAL B 149 -38.38 0.05 -24.43
CA VAL B 149 -37.41 -0.96 -24.01
C VAL B 149 -36.47 -1.34 -25.14
N ALA B 150 -35.18 -1.39 -24.84
CA ALA B 150 -34.18 -1.99 -25.70
C ALA B 150 -33.08 -2.55 -24.81
N VAL B 151 -32.45 -3.62 -25.26
CA VAL B 151 -31.32 -4.22 -24.56
C VAL B 151 -30.20 -4.43 -25.56
N ILE B 152 -29.05 -3.81 -25.30
CA ILE B 152 -27.87 -3.92 -26.16
C ILE B 152 -26.68 -4.34 -25.30
N GLY B 153 -25.54 -4.52 -25.96
CA GLY B 153 -24.34 -4.94 -25.26
C GLY B 153 -23.64 -3.77 -24.59
N GLN B 154 -22.94 -4.07 -23.50
CA GLN B 154 -22.14 -3.07 -22.80
C GLN B 154 -21.16 -2.41 -23.73
N SER B 155 -20.85 -1.16 -23.41
CA SER B 155 -19.66 -0.54 -23.95
CA SER B 155 -19.66 -0.55 -23.96
C SER B 155 -18.45 -0.95 -23.12
N GLY B 156 -17.32 -1.12 -23.79
CA GLY B 156 -16.11 -1.50 -23.09
C GLY B 156 -15.20 -0.36 -22.68
N ASN B 157 -15.58 0.90 -22.93
CA ASN B 157 -14.71 2.05 -22.68
C ASN B 157 -15.18 2.92 -21.51
N LEU B 158 -16.05 2.39 -20.65
CA LEU B 158 -16.56 3.14 -19.50
C LEU B 158 -15.64 2.97 -18.29
N THR B 159 -15.62 3.99 -17.41
CA THR B 159 -14.88 4.02 -16.15
C THR B 159 -13.56 3.26 -16.17
N PRO B 160 -12.64 3.57 -17.09
CA PRO B 160 -11.33 2.90 -17.05
C PRO B 160 -10.64 3.00 -15.70
N ALA B 161 -10.84 4.09 -14.94
CA ALA B 161 -10.24 4.14 -13.62
C ALA B 161 -10.74 3.00 -12.74
N ASP B 162 -12.03 2.67 -12.84
CA ASP B 162 -12.54 1.59 -12.00
C ASP B 162 -12.03 0.23 -12.45
N LYS B 163 -11.92 0.00 -13.77
CA LYS B 163 -11.41 -1.28 -14.23
C LYS B 163 -9.98 -1.49 -13.74
N LYS B 164 -9.16 -0.43 -13.81
CA LYS B 164 -7.79 -0.53 -13.29
C LYS B 164 -7.79 -0.72 -11.78
N LEU B 165 -8.52 0.12 -11.06
CA LEU B 165 -8.45 0.10 -9.60
C LEU B 165 -9.05 -1.17 -9.04
N TYR B 166 -10.15 -1.65 -9.62
CA TYR B 166 -10.69 -2.91 -9.12
C TYR B 166 -9.71 -4.06 -9.31
N ALA B 167 -9.04 -4.11 -10.48
CA ALA B 167 -8.05 -5.14 -10.71
C ALA B 167 -6.91 -5.06 -9.70
N LEU B 168 -6.50 -3.84 -9.36
CA LEU B 168 -5.45 -3.64 -8.38
C LEU B 168 -5.91 -4.04 -6.98
N ARG B 169 -7.13 -3.63 -6.60
CA ARG B 169 -7.67 -4.01 -5.30
C ARG B 169 -7.72 -5.54 -5.14
N ASP B 170 -8.03 -6.27 -6.21
CA ASP B 170 -8.14 -7.73 -6.15
C ASP B 170 -6.80 -8.41 -5.83
N VAL B 171 -5.67 -7.78 -6.16
CA VAL B 171 -4.36 -8.38 -5.91
C VAL B 171 -3.61 -7.70 -4.78
N THR B 172 -4.26 -6.76 -4.06
CA THR B 172 -3.64 -6.09 -2.93
C THR B 172 -4.50 -6.12 -1.67
N GLY B 173 -5.51 -6.98 -1.61
CA GLY B 173 -6.32 -7.07 -0.40
C GLY B 173 -7.19 -5.87 -0.08
N THR B 174 -7.53 -5.02 -1.07
CA THR B 174 -8.31 -3.82 -0.80
C THR B 174 -9.68 -3.86 -1.47
N VAL B 175 -10.20 -5.06 -1.76
CA VAL B 175 -11.55 -5.16 -2.31
C VAL B 175 -12.58 -4.76 -1.25
N ASN B 176 -12.42 -5.26 -0.04
CA ASN B 176 -13.49 -5.19 0.96
C ASN B 176 -13.41 -3.89 1.78
N SER B 177 -13.58 -2.78 1.08
CA SER B 177 -13.70 -1.48 1.72
C SER B 177 -14.97 -0.81 1.19
N ILE B 178 -15.88 -0.42 2.11
CA ILE B 178 -17.16 0.19 1.70
C ILE B 178 -17.00 1.37 0.74
N PRO B 179 -16.14 2.36 1.01
CA PRO B 179 -16.05 3.49 0.07
C PRO B 179 -15.58 3.07 -1.30
N LEU B 180 -14.71 2.05 -1.39
CA LEU B 180 -14.19 1.64 -2.68
C LEU B 180 -15.19 0.80 -3.45
N ILE B 181 -15.87 -0.13 -2.78
CA ILE B 181 -16.96 -0.88 -3.42
C ILE B 181 -18.06 0.08 -3.89
N ALA B 182 -18.51 0.95 -3.00
CA ALA B 182 -19.70 1.75 -3.32
C ALA B 182 -19.44 2.70 -4.48
N SER B 183 -18.25 3.31 -4.53
CA SER B 183 -17.91 4.20 -5.63
C SER B 183 -17.73 3.43 -6.93
N SER B 184 -17.13 2.24 -6.84
CA SER B 184 -16.95 1.38 -8.01
C SER B 184 -18.28 1.04 -8.67
N ILE B 185 -19.22 0.48 -7.90
CA ILE B 185 -20.51 0.07 -8.45
C ILE B 185 -21.28 1.29 -8.95
N MET B 186 -21.33 2.34 -8.14
CA MET B 186 -22.15 3.50 -8.53
C MET B 186 -21.59 4.19 -9.77
N SER B 187 -20.26 4.20 -9.95
CA SER B 187 -19.70 4.90 -11.10
C SER B 187 -20.05 4.21 -12.41
N LYS B 188 -20.07 2.87 -12.42
CA LYS B 188 -20.45 2.15 -13.64
C LYS B 188 -21.85 2.53 -14.09
N LYS B 189 -22.79 2.57 -13.15
CA LYS B 189 -24.18 2.86 -13.50
C LYS B 189 -24.35 4.30 -13.96
N ILE B 190 -23.64 5.23 -13.30
CA ILE B 190 -23.74 6.64 -13.66
C ILE B 190 -23.06 6.91 -14.99
N ALA B 191 -21.89 6.29 -15.20
CA ALA B 191 -21.20 6.47 -16.47
C ALA B 191 -22.02 5.97 -17.64
N ALA B 192 -22.84 4.94 -17.41
CA ALA B 192 -23.71 4.34 -18.43
C ALA B 192 -24.95 5.16 -18.71
N GLY B 193 -25.14 6.29 -18.03
CA GLY B 193 -26.19 7.22 -18.39
C GLY B 193 -27.45 7.15 -17.58
N ALA B 194 -27.51 6.32 -16.54
CA ALA B 194 -28.71 6.20 -15.73
C ALA B 194 -29.05 7.52 -15.04
N ASP B 195 -30.36 7.84 -15.01
CA ASP B 195 -30.86 8.99 -14.24
C ASP B 195 -31.11 8.62 -12.79
N ALA B 196 -31.43 7.34 -12.54
CA ALA B 196 -31.79 6.82 -11.24
C ALA B 196 -31.39 5.35 -11.21
N ILE B 197 -31.20 4.81 -10.00
CA ILE B 197 -30.58 3.49 -9.84
C ILE B 197 -31.36 2.69 -8.81
N VAL B 198 -31.62 1.42 -9.12
CA VAL B 198 -32.14 0.46 -8.16
C VAL B 198 -31.04 -0.56 -7.88
N LEU B 199 -30.77 -0.81 -6.61
CA LEU B 199 -29.72 -1.75 -6.23
C LEU B 199 -30.35 -2.99 -5.63
N ASP B 200 -30.09 -4.15 -6.22
CA ASP B 200 -30.40 -5.42 -5.58
C ASP B 200 -29.11 -5.93 -4.95
N VAL B 201 -28.98 -5.78 -3.63
CA VAL B 201 -27.76 -6.16 -2.92
C VAL B 201 -28.02 -7.53 -2.30
N LYS B 202 -27.31 -8.54 -2.79
CA LYS B 202 -27.58 -9.90 -2.36
C LYS B 202 -26.93 -10.16 -1.01
N THR B 203 -27.53 -11.07 -0.25
CA THR B 203 -26.96 -11.46 1.04
C THR B 203 -27.31 -12.91 1.32
N GLY B 204 -26.74 -13.43 2.41
CA GLY B 204 -26.89 -14.82 2.77
C GLY B 204 -25.66 -15.62 2.42
N ALA B 205 -25.70 -16.89 2.84
CA ALA B 205 -24.59 -17.80 2.59
C ALA B 205 -24.20 -17.79 1.12
N GLY B 206 -22.91 -17.72 0.86
CA GLY B 206 -22.40 -17.61 -0.49
C GLY B 206 -22.22 -16.21 -1.06
N ALA B 207 -23.20 -15.31 -0.82
CA ALA B 207 -23.14 -13.97 -1.40
C ALA B 207 -21.93 -13.19 -0.87
N PHE B 208 -21.60 -12.10 -1.56
CA PHE B 208 -20.41 -11.34 -1.15
C PHE B 208 -20.65 -10.62 0.17
N MET B 209 -21.80 -9.97 0.32
CA MET B 209 -22.19 -9.40 1.61
C MET B 209 -22.83 -10.51 2.42
N LYS B 210 -22.07 -11.05 3.37
CA LYS B 210 -22.49 -12.28 4.05
C LYS B 210 -23.72 -12.08 4.91
N THR B 211 -23.86 -10.92 5.54
CA THR B 211 -24.94 -10.68 6.50
C THR B 211 -25.86 -9.58 6.00
N GLU B 212 -27.08 -9.58 6.54
CA GLU B 212 -28.05 -8.53 6.26
C GLU B 212 -27.49 -7.17 6.66
N GLU B 213 -26.73 -7.14 7.76
CA GLU B 213 -26.18 -5.88 8.26
C GLU B 213 -25.10 -5.34 7.32
N ASP B 214 -24.19 -6.20 6.84
CA ASP B 214 -23.17 -5.73 5.91
C ASP B 214 -23.78 -5.26 4.61
N ALA B 215 -24.74 -6.02 4.08
CA ALA B 215 -25.39 -5.64 2.83
C ALA B 215 -26.13 -4.32 2.99
N ALA B 216 -26.84 -4.14 4.11
CA ALA B 216 -27.54 -2.88 4.33
C ALA B 216 -26.57 -1.71 4.45
N GLU B 217 -25.41 -1.94 5.09
CA GLU B 217 -24.43 -0.86 5.22
C GLU B 217 -23.92 -0.42 3.85
N LEU B 218 -23.55 -1.39 3.01
CA LEU B 218 -23.14 -1.07 1.63
C LEU B 218 -24.28 -0.40 0.87
N ALA B 219 -25.49 -0.99 0.92
CA ALA B 219 -26.61 -0.42 0.19
C ALA B 219 -26.85 1.03 0.57
N LYS B 220 -26.83 1.34 1.88
CA LYS B 220 -27.04 2.70 2.34
C LYS B 220 -25.95 3.64 1.85
N ALA B 221 -24.70 3.18 1.83
CA ALA B 221 -23.61 4.03 1.34
C ALA B 221 -23.83 4.41 -0.12
N MET B 222 -24.30 3.44 -0.93
CA MET B 222 -24.52 3.71 -2.34
C MET B 222 -25.73 4.61 -2.55
N VAL B 223 -26.76 4.45 -1.71
CA VAL B 223 -27.92 5.34 -1.78
C VAL B 223 -27.50 6.77 -1.45
N ARG B 224 -26.62 6.92 -0.47
CA ARG B 224 -26.16 8.25 -0.10
C ARG B 224 -25.32 8.87 -1.22
N ILE B 225 -24.44 8.09 -1.85
CA ILE B 225 -23.70 8.60 -3.00
C ILE B 225 -24.65 9.06 -4.09
N GLY B 226 -25.59 8.18 -4.48
CA GLY B 226 -26.50 8.53 -5.57
C GLY B 226 -27.25 9.81 -5.29
N ASN B 227 -27.83 9.94 -4.10
CA ASN B 227 -28.57 11.14 -3.79
C ASN B 227 -27.66 12.36 -3.72
N ASN B 228 -26.40 12.18 -3.32
CA ASN B 228 -25.48 13.33 -3.27
C ASN B 228 -25.05 13.76 -4.68
N VAL B 229 -24.98 12.84 -5.63
CA VAL B 229 -24.58 13.19 -6.98
C VAL B 229 -25.77 13.41 -7.91
N GLY B 230 -26.99 13.46 -7.36
CA GLY B 230 -28.15 13.80 -8.16
C GLY B 230 -28.73 12.67 -8.99
N ARG B 231 -28.41 11.42 -8.66
CA ARG B 231 -29.04 10.26 -9.29
C ARG B 231 -29.77 9.51 -8.18
N GLN B 232 -31.09 9.75 -8.07
CA GLN B 232 -31.85 9.16 -6.98
C GLN B 232 -31.72 7.64 -7.01
N THR B 233 -31.53 7.05 -5.84
CA THR B 233 -31.15 5.65 -5.74
C THR B 233 -31.96 4.99 -4.64
N MET B 234 -32.34 3.73 -4.88
CA MET B 234 -33.03 2.92 -3.89
CA MET B 234 -33.02 2.93 -3.89
C MET B 234 -32.40 1.54 -3.88
N ALA B 235 -32.61 0.82 -2.80
CA ALA B 235 -32.00 -0.49 -2.67
C ALA B 235 -32.97 -1.53 -2.12
N VAL B 236 -32.75 -2.77 -2.52
CA VAL B 236 -33.38 -3.96 -1.94
C VAL B 236 -32.28 -4.90 -1.43
N ILE B 237 -32.43 -5.41 -0.22
CA ILE B 237 -31.54 -6.43 0.32
C ILE B 237 -32.28 -7.76 0.22
N SER B 238 -31.85 -8.63 -0.69
CA SER B 238 -32.55 -9.90 -0.89
C SER B 238 -31.62 -11.08 -0.61
N ASP B 239 -32.25 -12.23 -0.42
CA ASP B 239 -31.53 -13.43 -0.02
C ASP B 239 -31.09 -14.24 -1.23
N MET B 240 -29.84 -14.68 -1.22
CA MET B 240 -29.27 -15.53 -2.26
C MET B 240 -28.74 -16.85 -1.70
N SER B 241 -29.18 -17.24 -0.50
CA SER B 241 -28.60 -18.42 0.13
C SER B 241 -29.00 -19.72 -0.58
N GLN B 242 -30.05 -19.69 -1.39
CA GLN B 242 -30.40 -20.75 -2.33
C GLN B 242 -30.69 -20.11 -3.69
N PRO B 243 -30.70 -20.91 -4.77
CA PRO B 243 -30.97 -20.33 -6.10
C PRO B 243 -32.34 -19.66 -6.16
N LEU B 244 -32.47 -18.72 -7.09
CA LEU B 244 -33.74 -18.05 -7.33
C LEU B 244 -34.55 -18.84 -8.35
N GLY B 245 -35.81 -19.08 -8.02
CA GLY B 245 -36.64 -19.78 -8.99
C GLY B 245 -36.23 -21.23 -9.18
N PHE B 246 -36.57 -21.76 -10.35
CA PHE B 246 -36.22 -23.14 -10.70
C PHE B 246 -35.23 -23.26 -11.85
N ALA B 247 -35.33 -22.40 -12.86
CA ALA B 247 -34.56 -22.55 -14.09
C ALA B 247 -33.15 -21.96 -13.93
N ILE B 248 -32.14 -22.75 -14.25
CA ILE B 248 -30.75 -22.29 -14.23
C ILE B 248 -30.16 -22.57 -15.61
N GLY B 249 -30.05 -21.53 -16.44
CA GLY B 249 -29.53 -21.71 -17.78
C GLY B 249 -29.89 -20.52 -18.66
N ASN B 250 -30.04 -20.79 -19.94
CA ASN B 250 -30.32 -19.68 -20.85
C ASN B 250 -31.71 -19.82 -21.46
N ALA B 251 -31.87 -20.71 -22.44
CA ALA B 251 -33.22 -20.98 -22.94
C ALA B 251 -34.16 -21.34 -21.79
N LEU B 252 -33.66 -22.09 -20.81
CA LEU B 252 -34.48 -22.49 -19.67
C LEU B 252 -34.99 -21.28 -18.90
N GLU B 253 -34.15 -20.24 -18.76
CA GLU B 253 -34.57 -19.07 -18.00
C GLU B 253 -35.50 -18.17 -18.82
N VAL B 254 -35.32 -18.13 -20.14
CA VAL B 254 -36.27 -17.39 -20.98
C VAL B 254 -37.65 -18.00 -20.85
N LYS B 255 -37.72 -19.34 -20.87
CA LYS B 255 -38.99 -20.03 -20.70
C LYS B 255 -39.63 -19.67 -19.36
N GLU B 256 -38.84 -19.67 -18.29
CA GLU B 256 -39.40 -19.34 -16.99
C GLU B 256 -39.80 -17.87 -16.91
N ALA B 257 -38.99 -16.98 -17.49
CA ALA B 257 -39.34 -15.57 -17.50
C ALA B 257 -40.71 -15.34 -18.12
N ILE B 258 -41.05 -16.13 -19.15
CA ILE B 258 -42.36 -16.02 -19.77
C ILE B 258 -43.45 -16.35 -18.75
N ASP B 259 -43.24 -17.40 -17.94
CA ASP B 259 -44.19 -17.71 -16.87
C ASP B 259 -44.34 -16.54 -15.90
N THR B 260 -43.22 -15.96 -15.45
CA THR B 260 -43.27 -14.85 -14.50
C THR B 260 -43.96 -13.62 -15.10
N LEU B 261 -43.72 -13.35 -16.38
CA LEU B 261 -44.42 -12.24 -17.03
C LEU B 261 -45.93 -12.48 -17.14
N LYS B 262 -46.41 -13.70 -16.93
CA LYS B 262 -47.84 -14.01 -16.96
C LYS B 262 -48.49 -13.92 -15.59
N GLY B 263 -47.76 -13.47 -14.56
CA GLY B 263 -48.24 -13.54 -13.19
C GLY B 263 -48.11 -14.92 -12.55
N GLU B 264 -47.42 -15.85 -13.20
CA GLU B 264 -47.31 -17.21 -12.69
C GLU B 264 -45.85 -17.44 -12.32
N GLY B 265 -45.33 -18.64 -12.57
CA GLY B 265 -43.92 -18.88 -12.31
C GLY B 265 -43.59 -18.99 -10.84
N PRO B 266 -42.30 -19.11 -10.53
CA PRO B 266 -41.91 -19.37 -9.14
C PRO B 266 -42.19 -18.16 -8.26
N GLU B 267 -42.62 -18.44 -7.02
CA GLU B 267 -43.09 -17.38 -6.14
C GLU B 267 -41.97 -16.42 -5.75
N ASP B 268 -40.78 -16.94 -5.47
CA ASP B 268 -39.69 -16.06 -5.04
C ASP B 268 -39.37 -15.01 -6.10
N LEU B 269 -39.23 -15.44 -7.35
CA LEU B 269 -38.93 -14.47 -8.39
C LEU B 269 -40.10 -13.53 -8.62
N HIS B 270 -41.33 -14.02 -8.43
CA HIS B 270 -42.51 -13.15 -8.49
C HIS B 270 -42.36 -11.99 -7.50
N GLU B 271 -41.98 -12.31 -6.26
CA GLU B 271 -41.90 -11.27 -5.23
C GLU B 271 -40.67 -10.38 -5.43
N LEU B 272 -39.52 -10.95 -5.81
CA LEU B 272 -38.35 -10.10 -6.07
C LEU B 272 -38.60 -9.15 -7.23
N VAL B 273 -39.27 -9.63 -8.28
CA VAL B 273 -39.54 -8.76 -9.42
C VAL B 273 -40.49 -7.64 -9.04
N LEU B 274 -41.53 -7.96 -8.27
CA LEU B 274 -42.45 -6.90 -7.86
C LEU B 274 -41.77 -5.90 -6.92
N THR B 275 -40.86 -6.39 -6.07
CA THR B 275 -40.20 -5.49 -5.12
C THR B 275 -39.25 -4.54 -5.85
N LEU B 276 -38.36 -5.10 -6.68
CA LEU B 276 -37.46 -4.27 -7.48
C LEU B 276 -38.22 -3.39 -8.47
N GLY B 277 -39.21 -3.94 -9.15
CA GLY B 277 -39.93 -3.15 -10.13
C GLY B 277 -40.71 -2.01 -9.52
N SER B 278 -41.18 -2.18 -8.28
CA SER B 278 -41.88 -1.08 -7.63
C SER B 278 -40.96 0.12 -7.48
N GLN B 279 -39.73 -0.12 -7.05
CA GLN B 279 -38.75 0.96 -6.95
C GLN B 279 -38.48 1.60 -8.32
N MET B 280 -38.34 0.79 -9.37
CA MET B 280 -38.13 1.38 -10.69
C MET B 280 -39.31 2.26 -11.10
N VAL B 281 -40.54 1.79 -10.86
CA VAL B 281 -41.72 2.54 -11.28
C VAL B 281 -41.81 3.86 -10.53
N VAL B 282 -41.50 3.86 -9.22
CA VAL B 282 -41.59 5.08 -8.42
C VAL B 282 -40.49 6.06 -8.83
N LEU B 283 -39.28 5.56 -9.06
CA LEU B 283 -38.19 6.46 -9.46
C LEU B 283 -38.45 7.07 -10.83
N ALA B 284 -39.11 6.33 -11.73
CA ALA B 284 -39.46 6.87 -13.02
C ALA B 284 -40.72 7.74 -12.97
N LYS B 285 -41.27 7.94 -11.77
CA LYS B 285 -42.46 8.76 -11.57
C LYS B 285 -43.66 8.23 -12.36
N LYS B 286 -43.81 6.90 -12.36
CA LYS B 286 -45.00 6.27 -12.93
C LYS B 286 -45.95 5.74 -11.86
N ALA B 287 -45.66 5.97 -10.58
CA ALA B 287 -46.61 5.66 -9.52
C ALA B 287 -46.25 6.52 -8.31
N ASP B 288 -47.28 6.83 -7.51
CA ASP B 288 -47.09 7.73 -6.38
C ASP B 288 -46.33 7.06 -5.24
N THR B 289 -46.62 5.78 -4.96
CA THR B 289 -46.06 5.07 -3.83
C THR B 289 -45.64 3.66 -4.26
N LEU B 290 -44.81 3.02 -3.42
CA LEU B 290 -44.36 1.67 -3.73
C LEU B 290 -45.52 0.69 -3.76
N ASP B 291 -46.49 0.84 -2.85
CA ASP B 291 -47.67 -0.03 -2.86
C ASP B 291 -48.47 0.10 -4.16
N GLU B 292 -48.64 1.33 -4.65
CA GLU B 292 -49.36 1.53 -5.90
C GLU B 292 -48.61 0.93 -7.08
N ALA B 293 -47.28 1.08 -7.11
CA ALA B 293 -46.48 0.50 -8.18
C ALA B 293 -46.63 -1.01 -8.26
N ARG B 294 -46.52 -1.68 -7.11
CA ARG B 294 -46.74 -3.12 -7.08
C ARG B 294 -48.09 -3.48 -7.69
N ALA B 295 -49.15 -2.76 -7.31
CA ALA B 295 -50.48 -3.06 -7.83
C ALA B 295 -50.54 -2.93 -9.34
N LYS B 296 -49.94 -1.86 -9.90
CA LYS B 296 -49.93 -1.67 -11.34
C LYS B 296 -49.11 -2.76 -12.04
N LEU B 297 -48.02 -3.22 -11.41
CA LEU B 297 -47.23 -4.31 -12.00
C LEU B 297 -48.00 -5.63 -11.99
N GLU B 298 -48.67 -5.93 -10.89
CA GLU B 298 -49.50 -7.13 -10.86
C GLU B 298 -50.54 -7.09 -11.97
N GLU B 299 -51.09 -5.91 -12.26
CA GLU B 299 -52.16 -5.82 -13.23
C GLU B 299 -51.67 -6.12 -14.64
N VAL B 300 -50.52 -5.57 -15.04
CA VAL B 300 -50.05 -5.84 -16.39
C VAL B 300 -49.53 -7.26 -16.54
N MET B 301 -49.21 -7.92 -15.43
CA MET B 301 -49.00 -9.36 -15.51
C MET B 301 -50.31 -10.07 -15.84
N LYS B 302 -51.40 -9.64 -15.22
CA LYS B 302 -52.67 -10.34 -15.30
C LYS B 302 -53.31 -10.20 -16.67
N ASN B 303 -53.33 -8.99 -17.23
CA ASN B 303 -54.07 -8.72 -18.46
C ASN B 303 -53.26 -8.98 -19.72
N GLY B 304 -52.05 -9.52 -19.59
CA GLY B 304 -51.23 -9.88 -20.74
C GLY B 304 -50.34 -8.77 -21.28
N LYS B 305 -50.43 -7.55 -20.74
CA LYS B 305 -49.68 -6.44 -21.34
C LYS B 305 -48.17 -6.61 -21.20
N ALA B 306 -47.71 -7.15 -20.07
CA ALA B 306 -46.28 -7.36 -19.90
C ALA B 306 -45.76 -8.39 -20.90
N LEU B 307 -46.54 -9.45 -21.13
CA LEU B 307 -46.17 -10.43 -22.13
C LEU B 307 -46.24 -9.86 -23.53
N GLU B 308 -47.26 -9.04 -23.82
CA GLU B 308 -47.32 -8.41 -25.13
C GLU B 308 -46.13 -7.49 -25.34
N LYS B 309 -45.72 -6.77 -24.29
CA LYS B 309 -44.51 -5.97 -24.37
C LYS B 309 -43.30 -6.84 -24.70
N PHE B 310 -43.17 -7.99 -24.01
CA PHE B 310 -42.03 -8.86 -24.27
C PHE B 310 -42.00 -9.30 -25.73
N LYS B 311 -43.17 -9.61 -26.31
CA LYS B 311 -43.26 -9.96 -27.73
C LYS B 311 -42.79 -8.82 -28.62
N ASP B 312 -43.29 -7.60 -28.35
CA ASP B 312 -42.87 -6.44 -29.14
C ASP B 312 -41.36 -6.22 -29.07
N PHE B 313 -40.78 -6.42 -27.87
CA PHE B 313 -39.37 -6.18 -27.65
C PHE B 313 -38.50 -7.17 -28.42
N LEU B 314 -38.91 -8.43 -28.49
CA LEU B 314 -38.18 -9.40 -29.30
C LEU B 314 -38.26 -9.04 -30.78
N LYS B 315 -39.45 -8.73 -31.26
CA LYS B 315 -39.65 -8.37 -32.66
C LYS B 315 -38.81 -7.15 -33.06
N ASN B 316 -38.77 -6.14 -32.19
CA ASN B 316 -38.13 -4.88 -32.56
C ASN B 316 -36.62 -4.99 -32.69
N GLN B 317 -36.03 -6.07 -32.18
CA GLN B 317 -34.61 -6.25 -32.37
C GLN B 317 -34.29 -7.36 -33.39
N GLY B 318 -35.32 -7.84 -34.07
CA GLY B 318 -35.16 -8.85 -35.08
C GLY B 318 -35.36 -10.28 -34.63
N GLY B 319 -35.77 -10.49 -33.37
CA GLY B 319 -35.94 -11.83 -32.86
C GLY B 319 -37.28 -12.46 -33.28
N ASP B 320 -37.34 -13.78 -33.16
CA ASP B 320 -38.55 -14.56 -33.45
C ASP B 320 -39.47 -14.49 -32.25
N SER B 321 -40.44 -13.57 -32.28
CA SER B 321 -41.33 -13.35 -31.15
C SER B 321 -42.32 -14.49 -30.93
N SER B 322 -42.45 -15.41 -31.90
CA SER B 322 -43.34 -16.54 -31.75
C SER B 322 -42.88 -17.53 -30.68
N ILE B 323 -41.63 -17.43 -30.23
CA ILE B 323 -41.14 -18.31 -29.17
C ILE B 323 -41.85 -18.07 -27.85
N VAL B 324 -42.57 -16.96 -27.71
CA VAL B 324 -43.23 -16.65 -26.45
C VAL B 324 -44.41 -17.60 -26.22
N ASP B 325 -45.28 -17.74 -27.22
CA ASP B 325 -46.38 -18.69 -27.10
C ASP B 325 -45.95 -20.12 -27.44
N ASP B 326 -44.81 -20.30 -28.11
CA ASP B 326 -44.28 -21.63 -28.44
C ASP B 326 -42.82 -21.73 -28.02
N PRO B 327 -42.55 -21.88 -26.71
CA PRO B 327 -41.16 -21.97 -26.25
C PRO B 327 -40.43 -23.24 -26.69
N SER B 328 -41.13 -24.22 -27.28
CA SER B 328 -40.39 -25.35 -27.84
C SER B 328 -39.50 -24.92 -29.00
N LYS B 329 -39.76 -23.75 -29.59
CA LYS B 329 -38.89 -23.23 -30.65
C LYS B 329 -37.54 -22.78 -30.12
N LEU B 330 -37.41 -22.57 -28.81
CA LEU B 330 -36.13 -22.23 -28.20
C LEU B 330 -35.17 -23.41 -28.27
N PRO B 331 -33.84 -23.15 -28.18
CA PRO B 331 -32.86 -24.24 -28.28
C PRO B 331 -33.16 -25.40 -27.33
N GLN B 332 -33.29 -26.60 -27.88
CA GLN B 332 -33.61 -27.79 -27.12
C GLN B 332 -32.36 -28.63 -26.86
N ALA B 333 -32.23 -29.12 -25.65
CA ALA B 333 -31.16 -30.05 -25.31
C ALA B 333 -31.50 -31.45 -25.84
N ALA B 334 -30.45 -32.23 -26.09
CA ALA B 334 -30.64 -33.58 -26.61
C ALA B 334 -31.15 -34.54 -25.53
N TYR B 335 -30.77 -34.32 -24.28
CA TYR B 335 -31.06 -35.25 -23.20
C TYR B 335 -31.67 -34.52 -22.00
N GLN B 336 -32.57 -35.23 -21.33
CA GLN B 336 -33.32 -34.73 -20.17
C GLN B 336 -33.23 -35.78 -19.08
N ILE B 337 -32.46 -35.49 -18.02
CA ILE B 337 -31.99 -36.50 -17.07
C ILE B 337 -32.41 -36.09 -15.67
N ASP B 338 -33.31 -36.87 -15.07
CA ASP B 338 -33.75 -36.62 -13.70
C ASP B 338 -32.68 -37.05 -12.70
N VAL B 339 -32.69 -36.41 -11.54
CA VAL B 339 -31.79 -36.73 -10.44
C VAL B 339 -32.65 -37.06 -9.22
N PRO B 340 -32.90 -38.34 -8.96
CA PRO B 340 -33.79 -38.72 -7.86
C PRO B 340 -33.23 -38.33 -6.49
N ALA B 341 -34.16 -38.03 -5.57
CA ALA B 341 -33.78 -37.87 -4.18
C ALA B 341 -33.43 -39.21 -3.58
N LYS B 342 -32.33 -39.26 -2.84
CA LYS B 342 -31.89 -40.51 -2.21
C LYS B 342 -32.39 -40.66 -0.78
N GLU B 343 -32.99 -39.62 -0.21
CA GLU B 343 -33.59 -39.68 1.11
C GLU B 343 -34.92 -38.94 1.06
N ALA B 344 -35.82 -39.29 1.98
CA ALA B 344 -37.06 -38.56 2.15
C ALA B 344 -36.93 -37.52 3.26
N GLY B 345 -37.71 -36.47 3.15
CA GLY B 345 -37.71 -35.41 4.14
C GLY B 345 -38.07 -34.08 3.50
N VAL B 346 -37.33 -33.04 3.88
CA VAL B 346 -37.48 -31.70 3.34
C VAL B 346 -36.10 -31.19 2.94
N VAL B 347 -36.08 -30.34 1.92
CA VAL B 347 -34.82 -29.77 1.46
C VAL B 347 -34.42 -28.65 2.41
N SER B 348 -33.24 -28.79 3.01
CA SER B 348 -32.78 -27.86 4.02
C SER B 348 -31.68 -26.92 3.55
N GLU B 349 -31.00 -27.26 2.44
CA GLU B 349 -29.97 -26.38 1.91
C GLU B 349 -29.74 -26.70 0.44
N ILE B 350 -29.71 -25.66 -0.38
CA ILE B 350 -29.24 -25.75 -1.77
C ILE B 350 -28.12 -24.74 -1.92
N VAL B 351 -26.90 -25.23 -2.11
CA VAL B 351 -25.71 -24.36 -2.19
C VAL B 351 -25.73 -23.70 -3.57
N ALA B 352 -26.24 -22.46 -3.62
CA ALA B 352 -26.52 -21.77 -4.88
C ALA B 352 -25.32 -21.76 -5.82
N ASP B 353 -24.18 -21.26 -5.34
CA ASP B 353 -23.01 -21.13 -6.22
C ASP B 353 -22.60 -22.48 -6.80
N GLU B 354 -22.80 -23.58 -6.06
CA GLU B 354 -22.36 -24.89 -6.56
C GLU B 354 -23.32 -25.46 -7.58
N ILE B 355 -24.63 -25.21 -7.43
CA ILE B 355 -25.54 -25.59 -8.50
C ILE B 355 -25.23 -24.77 -9.75
N GLY B 356 -24.78 -23.54 -9.57
CA GLY B 356 -24.35 -22.75 -10.72
C GLY B 356 -23.19 -23.39 -11.46
N VAL B 357 -22.22 -23.93 -10.71
CA VAL B 357 -21.10 -24.62 -11.33
C VAL B 357 -21.58 -25.88 -12.05
N ALA B 358 -22.53 -26.60 -11.46
CA ALA B 358 -23.06 -27.77 -12.13
C ALA B 358 -23.67 -27.41 -13.48
N ALA B 359 -24.39 -26.29 -13.53
CA ALA B 359 -24.95 -25.83 -14.80
C ALA B 359 -23.85 -25.42 -15.77
N MET B 360 -22.80 -24.76 -15.27
CA MET B 360 -21.68 -24.39 -16.13
CA MET B 360 -21.69 -24.39 -16.13
C MET B 360 -21.02 -25.62 -16.73
N LEU B 361 -20.88 -26.69 -15.94
CA LEU B 361 -20.26 -27.92 -16.42
C LEU B 361 -21.04 -28.54 -17.56
N LEU B 362 -22.37 -28.37 -17.57
CA LEU B 362 -23.18 -28.84 -18.70
C LEU B 362 -22.93 -28.01 -19.95
N GLY B 363 -22.45 -26.79 -19.80
CA GLY B 363 -22.29 -25.87 -20.92
C GLY B 363 -23.04 -24.55 -20.80
N ALA B 364 -23.75 -24.28 -19.69
CA ALA B 364 -24.67 -23.15 -19.59
C ALA B 364 -24.00 -21.85 -19.16
N GLY B 365 -22.73 -21.88 -18.80
CA GLY B 365 -22.04 -20.66 -18.41
C GLY B 365 -20.59 -20.72 -18.84
N ARG B 366 -19.82 -19.72 -18.46
CA ARG B 366 -18.42 -19.59 -18.85
C ARG B 366 -17.53 -19.69 -17.62
N ALA B 367 -16.49 -20.52 -17.70
CA ALA B 367 -15.45 -20.50 -16.68
C ALA B 367 -14.52 -19.31 -16.86
N THR B 368 -14.06 -19.06 -18.10
CA THR B 368 -13.41 -17.80 -18.46
C THR B 368 -13.97 -17.31 -19.79
N LYS B 369 -13.76 -16.01 -20.05
CA LYS B 369 -14.48 -15.25 -21.07
C LYS B 369 -14.39 -15.84 -22.47
N GLU B 370 -13.42 -16.71 -22.74
CA GLU B 370 -13.26 -17.29 -24.06
C GLU B 370 -14.05 -18.58 -24.26
N ASP B 371 -14.86 -18.98 -23.27
CA ASP B 371 -15.59 -20.24 -23.35
C ASP B 371 -16.80 -20.12 -24.27
N GLU B 372 -17.01 -21.15 -25.08
CA GLU B 372 -18.24 -21.24 -25.86
C GLU B 372 -19.37 -21.74 -24.97
N ILE B 373 -20.56 -21.17 -25.16
CA ILE B 373 -21.70 -21.44 -24.31
C ILE B 373 -22.77 -22.17 -25.12
N ASP B 374 -23.40 -23.15 -24.49
CA ASP B 374 -24.51 -23.91 -25.07
C ASP B 374 -25.78 -23.34 -24.48
N LEU B 375 -26.57 -22.65 -25.31
CA LEU B 375 -27.76 -21.96 -24.82
C LEU B 375 -28.93 -22.89 -24.54
N ALA B 376 -28.81 -24.19 -24.82
CA ALA B 376 -29.94 -25.09 -24.61
C ALA B 376 -29.84 -25.90 -23.31
N VAL B 377 -28.65 -25.97 -22.71
CA VAL B 377 -28.44 -26.86 -21.56
C VAL B 377 -28.71 -26.08 -20.27
N GLY B 378 -28.81 -26.80 -19.16
CA GLY B 378 -28.97 -26.17 -17.87
C GLY B 378 -29.59 -27.15 -16.87
N ILE B 379 -30.13 -26.60 -15.80
CA ILE B 379 -30.73 -27.35 -14.71
C ILE B 379 -32.09 -26.75 -14.36
N MET B 380 -33.07 -27.62 -14.15
CA MET B 380 -34.36 -27.26 -13.58
C MET B 380 -34.42 -27.86 -12.17
N LEU B 381 -34.34 -27.01 -11.15
CA LEU B 381 -34.60 -27.45 -9.79
C LEU B 381 -36.06 -27.87 -9.66
N ARG B 382 -36.30 -28.98 -8.95
CA ARG B 382 -37.66 -29.44 -8.71
C ARG B 382 -38.13 -29.24 -7.27
N LYS B 383 -37.24 -28.82 -6.39
CA LYS B 383 -37.55 -28.59 -4.98
C LYS B 383 -36.77 -27.37 -4.53
N LYS B 384 -37.37 -26.56 -3.65
CA LYS B 384 -36.69 -25.45 -3.00
CA LYS B 384 -36.70 -25.45 -3.00
C LYS B 384 -36.54 -25.76 -1.52
N VAL B 385 -35.76 -24.92 -0.83
CA VAL B 385 -35.57 -25.11 0.60
C VAL B 385 -36.92 -25.03 1.29
N GLY B 386 -37.23 -26.05 2.10
CA GLY B 386 -38.51 -26.15 2.78
C GLY B 386 -39.52 -27.04 2.11
N ASP B 387 -39.28 -27.45 0.86
CA ASP B 387 -40.18 -28.35 0.16
C ASP B 387 -39.97 -29.79 0.60
N LYS B 388 -41.08 -30.49 0.84
CA LYS B 388 -40.99 -31.90 1.19
CA LYS B 388 -40.99 -31.90 1.19
C LYS B 388 -40.58 -32.71 -0.03
N VAL B 389 -39.86 -33.80 0.22
CA VAL B 389 -39.38 -34.65 -0.86
C VAL B 389 -39.39 -36.10 -0.37
N GLU B 390 -39.65 -37.01 -1.30
CA GLU B 390 -39.68 -38.42 -1.00
C GLU B 390 -38.60 -39.14 -1.79
N LYS B 391 -38.23 -40.32 -1.30
CA LYS B 391 -37.22 -41.13 -1.95
C LYS B 391 -37.61 -41.41 -3.39
N GLY B 392 -36.67 -41.18 -4.31
CA GLY B 392 -36.91 -41.38 -5.72
C GLY B 392 -37.51 -40.19 -6.44
N GLU B 393 -38.12 -39.26 -5.72
CA GLU B 393 -38.68 -38.06 -6.35
C GLU B 393 -37.56 -37.20 -6.92
N PRO B 394 -37.72 -36.68 -8.15
CA PRO B 394 -36.64 -35.88 -8.75
C PRO B 394 -36.38 -34.62 -7.94
N LEU B 395 -35.10 -34.40 -7.62
CA LEU B 395 -34.66 -33.15 -7.00
C LEU B 395 -34.36 -32.07 -8.04
N VAL B 396 -33.70 -32.47 -9.13
CA VAL B 396 -33.45 -31.60 -10.27
C VAL B 396 -33.59 -32.43 -11.53
N THR B 397 -33.73 -31.74 -12.65
CA THR B 397 -33.62 -32.35 -13.97
C THR B 397 -32.52 -31.65 -14.75
N LEU B 398 -31.61 -32.45 -15.30
CA LEU B 398 -30.47 -31.95 -16.07
C LEU B 398 -30.83 -31.94 -17.56
N TYR B 399 -30.54 -30.82 -18.22
CA TYR B 399 -30.71 -30.69 -19.66
C TYR B 399 -29.31 -30.67 -20.28
N ALA B 400 -28.95 -31.72 -21.00
CA ALA B 400 -27.59 -31.89 -21.48
C ALA B 400 -27.57 -32.13 -22.99
N ASN B 401 -26.42 -31.81 -23.59
CA ASN B 401 -26.15 -32.09 -25.00
C ASN B 401 -25.01 -33.09 -25.16
N ARG B 402 -24.64 -33.80 -24.09
CA ARG B 402 -23.70 -34.91 -24.18
C ARG B 402 -24.25 -36.09 -23.38
N GLU B 403 -23.58 -37.23 -23.53
CA GLU B 403 -24.12 -38.51 -23.05
C GLU B 403 -23.87 -38.70 -21.56
N ASN B 404 -22.63 -38.52 -21.10
CA ASN B 404 -22.27 -38.74 -19.72
C ASN B 404 -22.16 -37.41 -18.97
N VAL B 405 -22.89 -37.27 -17.88
CA VAL B 405 -22.88 -36.07 -17.05
C VAL B 405 -22.74 -36.46 -15.59
N ASP B 406 -21.99 -37.53 -15.32
CA ASP B 406 -21.94 -38.07 -13.96
C ASP B 406 -21.31 -37.09 -12.96
N GLU B 407 -20.29 -36.34 -13.38
N GLU B 407 -20.30 -36.33 -13.40
CA GLU B 407 -19.72 -35.35 -12.46
CA GLU B 407 -19.70 -35.33 -12.52
C GLU B 407 -20.78 -34.33 -12.05
C GLU B 407 -20.73 -34.30 -12.08
N VAL B 408 -21.60 -33.89 -13.00
CA VAL B 408 -22.66 -32.93 -12.68
C VAL B 408 -23.62 -33.53 -11.68
N ILE B 409 -24.01 -34.79 -11.90
CA ILE B 409 -24.89 -35.47 -10.96
C ILE B 409 -24.28 -35.51 -9.57
N ALA B 410 -22.98 -35.81 -9.47
CA ALA B 410 -22.32 -35.86 -8.17
C ALA B 410 -22.32 -34.49 -7.49
N LYS B 411 -22.11 -33.42 -8.27
CA LYS B 411 -22.04 -32.11 -7.65
C LYS B 411 -23.39 -31.65 -7.13
N VAL B 412 -24.48 -31.98 -7.84
CA VAL B 412 -25.81 -31.67 -7.35
C VAL B 412 -26.09 -32.36 -6.02
N TYR B 413 -25.76 -33.66 -5.93
CA TYR B 413 -26.00 -34.41 -4.69
C TYR B 413 -25.23 -33.83 -3.52
N ASP B 414 -23.98 -33.44 -3.75
CA ASP B 414 -23.14 -32.95 -2.67
C ASP B 414 -23.58 -31.58 -2.18
N ASN B 415 -24.49 -30.90 -2.88
CA ASN B 415 -24.86 -29.53 -2.53
C ASN B 415 -26.36 -29.33 -2.40
N ILE B 416 -27.13 -30.40 -2.28
CA ILE B 416 -28.52 -30.33 -1.85
C ILE B 416 -28.64 -31.19 -0.60
N ARG B 417 -29.18 -30.61 0.47
CA ARG B 417 -29.24 -31.25 1.78
C ARG B 417 -30.69 -31.49 2.14
N ILE B 418 -31.03 -32.76 2.43
CA ILE B 418 -32.34 -33.15 2.92
C ILE B 418 -32.24 -33.42 4.41
N ALA B 419 -33.22 -32.93 5.18
CA ALA B 419 -33.23 -33.06 6.62
C ALA B 419 -34.66 -33.29 7.08
N ALA B 420 -34.86 -33.36 8.41
CA ALA B 420 -36.18 -33.60 8.97
C ALA B 420 -37.00 -32.33 9.13
N GLU B 421 -36.33 -31.19 9.31
CA GLU B 421 -36.96 -29.89 9.41
C GLU B 421 -36.15 -28.91 8.57
N ALA B 422 -36.80 -27.85 8.10
CA ALA B 422 -36.09 -26.81 7.37
C ALA B 422 -36.84 -25.50 7.51
N LYS B 423 -36.12 -24.39 7.30
CA LYS B 423 -36.70 -23.05 7.35
C LYS B 423 -36.03 -22.23 6.26
N ALA B 424 -36.79 -21.81 5.26
CA ALA B 424 -36.19 -20.98 4.23
C ALA B 424 -35.99 -19.55 4.74
N PRO B 425 -34.84 -18.94 4.49
CA PRO B 425 -34.65 -17.55 4.90
C PRO B 425 -35.71 -16.66 4.26
N LYS B 426 -35.85 -15.47 4.82
CA LYS B 426 -36.76 -14.49 4.26
C LYS B 426 -36.17 -13.89 2.99
N LEU B 427 -36.99 -13.79 1.94
CA LEU B 427 -36.50 -13.35 0.64
C LEU B 427 -36.06 -11.88 0.66
N ILE B 428 -36.98 -10.99 1.02
CA ILE B 428 -36.73 -9.55 1.07
C ILE B 428 -36.37 -9.20 2.51
N HIS B 429 -35.10 -8.91 2.76
CA HIS B 429 -34.70 -8.60 4.13
C HIS B 429 -35.06 -7.16 4.48
N THR B 430 -34.68 -6.20 3.65
CA THR B 430 -34.98 -4.82 3.97
C THR B 430 -34.92 -3.98 2.70
N LEU B 431 -35.55 -2.81 2.78
CA LEU B 431 -35.63 -1.87 1.69
C LEU B 431 -35.03 -0.54 2.14
N ILE B 432 -34.22 0.06 1.28
CA ILE B 432 -33.66 1.40 1.52
C ILE B 432 -34.28 2.33 0.49
N THR B 433 -35.22 3.16 0.91
CA THR B 433 -36.00 3.97 0.00
C THR B 433 -35.64 5.45 0.06
N GLU B 434 -34.82 5.85 1.02
CA GLU B 434 -34.38 7.23 1.14
C GLU B 434 -33.05 7.22 1.87
N1 IMD C . 16.34 3.52 6.93
C2 IMD C . 15.02 3.18 6.91
N3 IMD C . 14.30 4.19 7.40
C4 IMD C . 15.15 5.21 7.71
C5 IMD C . 16.43 4.78 7.43
C1 EDO D . 10.88 2.63 -7.50
C1 EDO D . 11.66 3.94 -7.06
O1 EDO D . 10.59 2.93 -8.86
O1 EDO D . 12.75 3.10 -6.64
C2 EDO D . 9.64 2.02 -6.85
C2 EDO D . 10.35 3.28 -6.65
O2 EDO D . 9.32 0.78 -7.47
O2 EDO D . 10.54 2.59 -5.40
N1 IMD E . -16.09 -3.54 -5.73
C2 IMD E . -15.69 -3.08 -6.92
N3 IMD E . -16.63 -3.33 -7.87
C4 IMD E . -17.64 -4.00 -7.27
C5 IMD E . -17.29 -4.14 -5.92
N1 IMD F . -2.90 -4.29 -11.59
C2 IMD F . -1.61 -4.16 -12.01
N3 IMD F . -1.25 -5.31 -12.63
C4 IMD F . -2.31 -6.15 -12.62
C5 IMD F . -3.36 -5.50 -11.95
S SO4 G . -27.65 -7.56 -16.85
O1 SO4 G . -28.48 -7.21 -17.95
O2 SO4 G . -27.11 -8.91 -17.06
O3 SO4 G . -26.63 -6.58 -16.85
O4 SO4 G . -28.41 -7.50 -15.62
#